data_9NQ3
#
_entry.id   9NQ3
#
_cell.length_a   82.192
_cell.length_b   101.333
_cell.length_c   134.982
_cell.angle_alpha   90.000
_cell.angle_beta   90.000
_cell.angle_gamma   90.000
#
_symmetry.space_group_name_H-M   'P 21 2 21'
#
loop_
_entity.id
_entity.type
_entity.pdbx_description
1 polymer '1871 Fab heavy chain'
2 polymer '1871 Fab light chain'
3 water water
#
loop_
_entity_poly.entity_id
_entity_poly.type
_entity_poly.pdbx_seq_one_letter_code
_entity_poly.pdbx_strand_id
1 'polypeptide(L)'
;EVQLVESGGGLVKPGGSLRLSCVASGFSFSIYSMNWVRQAPGKGLEWVSYISSSSSYKYYADSVKGRFSVSRDNAKNSLY
LQLNGLRAEDTAVYYCARDGYCPKGVCTYYGMDVWGQGTTVTVSAASTKGPSVFPLAPSSKSTSGGTAALGCLVKDYFPE
PVTVSWNSGALTSGVHTFPAVLQSSGLYSLSSVVTVPSSSLGTQTYICNVNHKPSNTKVDKKVEPKS
;
H,A
2 'polypeptide(L)'
;EIVMTQSPATLSVSPGERVTLSCRASQSVRSRLAWFQQKPGQAPRLLIYDASIRATGIPARFSGSGSGTEFTLIISSLQS
EDFAVYYCQQYDNWPPAYTFGQGTKLEIKRTVAAPSVFIFPPSDEQLKSGTASVVCLLNNFYPREAKVQWKVDNALQSGN
SQESVTEQDSKDSTYSLSSTLTLSKADYEKHKVYACEVTHQGLSSPVTKSFNRGE
;
L,B
#
# COMPACT_ATOMS: atom_id res chain seq x y z
N GLU A 1 16.41 0.28 -46.62
CA GLU A 1 15.05 0.10 -46.11
C GLU A 1 14.70 1.24 -45.16
N VAL A 2 13.42 1.61 -45.13
CA VAL A 2 12.95 2.58 -44.14
C VAL A 2 12.95 1.94 -42.76
N GLN A 3 13.42 2.69 -41.76
CA GLN A 3 13.72 2.12 -40.45
C GLN A 3 13.43 3.13 -39.35
N LEU A 4 12.73 2.67 -38.32
CA LEU A 4 12.57 3.37 -37.05
C LEU A 4 13.06 2.45 -35.95
N VAL A 5 13.87 2.97 -35.04
CA VAL A 5 14.45 2.16 -33.97
C VAL A 5 14.35 2.93 -32.65
N GLU A 6 13.62 2.37 -31.69
CA GLU A 6 13.53 2.97 -30.36
C GLU A 6 14.57 2.38 -29.43
N SER A 7 14.73 3.04 -28.27
CA SER A 7 15.35 2.52 -27.06
C SER A 7 15.24 3.53 -25.93
N GLY A 8 15.72 3.16 -24.75
CA GLY A 8 15.68 4.00 -23.58
C GLY A 8 14.76 3.51 -22.47
N GLY A 9 13.95 2.47 -22.74
CA GLY A 9 13.04 1.98 -21.73
C GLY A 9 13.72 1.08 -20.71
N GLY A 10 13.06 0.92 -19.57
CA GLY A 10 13.58 0.05 -18.54
C GLY A 10 12.80 0.21 -17.24
N LEU A 11 13.45 -0.14 -16.13
CA LEU A 11 12.82 -0.11 -14.82
C LEU A 11 12.92 1.29 -14.22
N VAL A 12 11.77 1.83 -13.81
CA VAL A 12 11.68 3.14 -13.18
C VAL A 12 10.86 2.99 -11.90
N LYS A 13 11.32 3.61 -10.82
CA LYS A 13 10.53 3.65 -9.60
C LYS A 13 9.32 4.56 -9.80
N PRO A 14 8.22 4.33 -9.07
CA PRO A 14 7.03 5.17 -9.23
C PRO A 14 7.30 6.63 -8.92
N GLY A 15 6.76 7.51 -9.78
CA GLY A 15 7.04 8.93 -9.71
C GLY A 15 8.37 9.36 -10.28
N GLY A 16 9.10 8.46 -10.94
CA GLY A 16 10.37 8.77 -11.54
C GLY A 16 10.25 9.27 -12.97
N SER A 17 11.41 9.48 -13.59
CA SER A 17 11.49 10.03 -14.94
C SER A 17 12.29 9.10 -15.84
N LEU A 18 11.96 9.12 -17.13
CA LEU A 18 12.69 8.34 -18.12
C LEU A 18 12.54 9.02 -19.47
N ARG A 19 13.59 8.97 -20.28
CA ARG A 19 13.57 9.62 -21.58
C ARG A 19 13.77 8.56 -22.66
N LEU A 20 12.77 8.38 -23.50
CA LEU A 20 12.84 7.47 -24.63
C LEU A 20 13.34 8.18 -25.87
N SER A 21 14.06 7.44 -26.71
CA SER A 21 14.60 7.96 -27.96
C SER A 21 14.21 7.03 -29.09
N CYS A 22 13.97 7.60 -30.27
CA CYS A 22 13.61 6.87 -31.48
C CYS A 22 14.39 7.51 -32.62
N VAL A 23 15.31 6.77 -33.22
CA VAL A 23 16.12 7.26 -34.33
C VAL A 23 15.60 6.67 -35.62
N ALA A 24 15.53 7.51 -36.66
CA ALA A 24 15.03 7.12 -37.96
C ALA A 24 16.17 7.05 -38.97
N SER A 25 15.98 6.21 -39.98
CA SER A 25 16.93 6.13 -41.08
C SER A 25 16.20 5.61 -42.31
N GLY A 26 16.78 5.90 -43.48
CA GLY A 26 16.24 5.43 -44.74
C GLY A 26 15.23 6.32 -45.40
N PHE A 27 14.83 7.43 -44.76
CA PHE A 27 13.88 8.35 -45.35
C PHE A 27 14.17 9.75 -44.83
N SER A 28 13.55 10.74 -45.46
CA SER A 28 13.70 12.14 -45.06
C SER A 28 12.86 12.38 -43.81
N PHE A 29 13.52 12.32 -42.65
CA PHE A 29 12.83 12.37 -41.36
C PHE A 29 12.26 13.76 -41.06
N SER A 30 12.90 14.81 -41.57
CA SER A 30 12.51 16.17 -41.21
C SER A 30 11.19 16.62 -41.83
N ILE A 31 10.64 15.88 -42.80
CA ILE A 31 9.37 16.27 -43.42
C ILE A 31 8.20 15.46 -42.91
N TYR A 32 8.42 14.51 -42.00
CA TYR A 32 7.34 13.68 -41.46
C TYR A 32 6.94 14.16 -40.06
N SER A 33 5.63 14.16 -39.80
CA SER A 33 5.11 14.21 -38.45
C SER A 33 5.38 12.87 -37.74
N MET A 34 5.34 12.89 -36.41
CA MET A 34 5.76 11.74 -35.63
C MET A 34 4.82 11.52 -34.44
N ASN A 35 4.59 10.24 -34.13
CA ASN A 35 3.70 9.82 -33.06
C ASN A 35 4.39 8.89 -32.07
N TRP A 36 3.92 8.93 -30.82
CA TRP A 36 4.24 7.92 -29.81
C TRP A 36 2.96 7.17 -29.46
N VAL A 37 3.00 5.85 -29.54
CA VAL A 37 1.86 4.99 -29.23
C VAL A 37 2.35 3.91 -28.26
N ARG A 38 1.59 3.67 -27.20
CA ARG A 38 2.00 2.70 -26.18
C ARG A 38 0.96 1.60 -26.05
N GLN A 39 1.37 0.49 -25.44
CA GLN A 39 0.51 -0.68 -25.28
C GLN A 39 0.75 -1.30 -23.91
N ALA A 40 -0.25 -1.21 -23.04
CA ALA A 40 -0.17 -1.81 -21.71
C ALA A 40 -0.18 -3.34 -21.83
N PRO A 41 0.37 -4.05 -20.84
CA PRO A 41 0.42 -5.52 -20.92
C PRO A 41 -0.98 -6.14 -20.99
N GLY A 42 -1.23 -6.88 -22.06
CA GLY A 42 -2.52 -7.48 -22.29
C GLY A 42 -3.61 -6.53 -22.74
N LYS A 43 -3.28 -5.27 -23.03
CA LYS A 43 -4.26 -4.26 -23.41
C LYS A 43 -4.05 -3.84 -24.86
N GLY A 44 -4.89 -2.91 -25.30
CA GLY A 44 -4.82 -2.41 -26.67
C GLY A 44 -3.94 -1.18 -26.82
N LEU A 45 -3.81 -0.75 -28.07
CA LEU A 45 -2.98 0.39 -28.40
C LEU A 45 -3.61 1.69 -27.90
N GLU A 46 -2.77 2.60 -27.40
CA GLU A 46 -3.21 3.92 -26.98
C GLU A 46 -2.27 4.95 -27.57
N TRP A 47 -2.82 5.89 -28.32
CA TRP A 47 -2.03 7.02 -28.81
C TRP A 47 -1.68 7.93 -27.63
N VAL A 48 -0.43 8.41 -27.61
CA VAL A 48 0.12 9.18 -26.50
C VAL A 48 0.47 10.61 -26.92
N SER A 49 1.16 10.75 -28.05
CA SER A 49 1.72 12.05 -28.39
C SER A 49 1.87 12.23 -29.89
N TYR A 50 1.78 13.49 -30.33
CA TYR A 50 2.04 13.91 -31.70
C TYR A 50 3.02 15.07 -31.67
N ILE A 51 3.93 15.11 -32.64
CA ILE A 51 4.78 16.27 -32.87
C ILE A 51 4.86 16.52 -34.37
N SER A 52 4.66 17.77 -34.78
CA SER A 52 4.76 18.09 -36.20
C SER A 52 6.22 18.10 -36.64
N SER A 53 6.42 18.12 -37.96
CA SER A 53 7.76 18.03 -38.53
C SER A 53 8.62 19.21 -38.14
N SER A 54 8.01 20.39 -38.03
CA SER A 54 8.66 21.65 -37.69
C SER A 54 8.86 21.85 -36.20
N SER A 55 8.46 20.88 -35.37
CA SER A 55 8.33 20.95 -33.91
C SER A 55 7.35 22.02 -33.45
N SER A 56 6.56 22.59 -34.37
CA SER A 56 5.70 23.73 -34.04
C SER A 56 4.51 23.33 -33.19
N TYR A 57 3.96 22.14 -33.42
CA TYR A 57 2.78 21.67 -32.71
C TYR A 57 3.10 20.37 -32.00
N LYS A 58 2.80 20.32 -30.69
CA LYS A 58 2.97 19.13 -29.86
C LYS A 58 1.68 18.88 -29.12
N TYR A 59 1.11 17.68 -29.28
CA TYR A 59 -0.19 17.38 -28.69
C TYR A 59 -0.13 16.05 -27.96
N TYR A 60 -1.01 15.91 -26.96
CA TYR A 60 -0.93 14.79 -26.03
C TYR A 60 -2.32 14.26 -25.72
N ALA A 61 -2.38 12.95 -25.49
CA ALA A 61 -3.57 12.35 -24.89
C ALA A 61 -3.73 12.84 -23.46
N ASP A 62 -4.98 12.89 -22.98
CA ASP A 62 -5.26 13.46 -21.67
C ASP A 62 -4.67 12.63 -20.53
N SER A 63 -4.46 11.33 -20.76
CA SER A 63 -3.89 10.46 -19.73
C SER A 63 -2.43 10.79 -19.43
N VAL A 64 -1.74 11.47 -20.35
CA VAL A 64 -0.32 11.79 -20.21
C VAL A 64 -0.04 13.28 -20.24
N LYS A 65 -1.03 14.11 -20.53
CA LYS A 65 -0.79 15.54 -20.74
C LYS A 65 -0.41 16.21 -19.42
N GLY A 66 0.63 17.07 -19.50
CA GLY A 66 1.20 17.69 -18.34
C GLY A 66 2.33 16.90 -17.70
N ARG A 67 2.34 15.58 -17.88
CA ARG A 67 3.39 14.71 -17.37
C ARG A 67 4.43 14.34 -18.41
N PHE A 68 4.07 14.29 -19.68
CA PHE A 68 4.98 13.88 -20.75
C PHE A 68 5.35 15.09 -21.60
N SER A 69 6.49 14.99 -22.28
CA SER A 69 6.98 16.05 -23.16
C SER A 69 7.62 15.45 -24.40
N VAL A 70 7.04 15.70 -25.57
CA VAL A 70 7.60 15.20 -26.82
C VAL A 70 8.53 16.25 -27.40
N SER A 71 9.55 15.79 -28.11
CA SER A 71 10.53 16.69 -28.74
C SER A 71 11.18 15.96 -29.90
N ARG A 72 11.89 16.71 -30.73
CA ARG A 72 12.63 16.08 -31.82
C ARG A 72 13.85 16.92 -32.18
N ASP A 73 14.81 16.25 -32.80
CA ASP A 73 16.05 16.86 -33.30
C ASP A 73 16.25 16.33 -34.71
N ASN A 74 15.91 17.15 -35.71
CA ASN A 74 15.97 16.71 -37.10
C ASN A 74 17.40 16.54 -37.60
N ALA A 75 18.38 17.15 -36.95
CA ALA A 75 19.76 17.00 -37.37
C ALA A 75 20.26 15.57 -37.12
N LYS A 76 19.96 15.01 -35.95
CA LYS A 76 20.34 13.64 -35.61
C LYS A 76 19.28 12.61 -36.01
N ASN A 77 18.23 13.03 -36.73
CA ASN A 77 17.11 12.16 -37.12
C ASN A 77 16.44 11.51 -35.91
N SER A 78 16.15 12.32 -34.88
CA SER A 78 15.79 11.79 -33.58
C SER A 78 14.45 12.33 -33.08
N LEU A 79 13.70 11.45 -32.40
CA LEU A 79 12.45 11.76 -31.72
C LEU A 79 12.59 11.35 -30.25
N TYR A 80 12.09 12.18 -29.35
CA TYR A 80 12.29 11.95 -27.92
C TYR A 80 10.97 12.11 -27.18
N LEU A 81 10.80 11.29 -26.14
CA LEU A 81 9.67 11.39 -25.23
C LEU A 81 10.17 11.40 -23.80
N GLN A 82 9.96 12.51 -23.10
CA GLN A 82 10.30 12.61 -21.68
C GLN A 82 9.07 12.25 -20.86
N LEU A 83 9.21 11.26 -19.98
CA LEU A 83 8.13 10.77 -19.14
C LEU A 83 8.44 11.14 -17.70
N ASN A 84 7.56 11.93 -17.09
CA ASN A 84 7.68 12.34 -15.70
C ASN A 84 6.47 11.88 -14.91
N GLY A 85 6.65 11.75 -13.60
CA GLY A 85 5.60 11.30 -12.71
C GLY A 85 5.05 9.94 -13.09
N LEU A 86 5.95 9.00 -13.41
CA LEU A 86 5.54 7.71 -13.94
C LEU A 86 4.78 6.90 -12.91
N ARG A 87 3.74 6.21 -13.37
CA ARG A 87 2.89 5.39 -12.53
C ARG A 87 2.86 3.98 -13.09
N ALA A 88 2.29 3.06 -12.30
CA ALA A 88 2.21 1.66 -12.72
C ALA A 88 1.34 1.48 -13.95
N GLU A 89 0.33 2.34 -14.15
CA GLU A 89 -0.48 2.27 -15.35
C GLU A 89 0.27 2.75 -16.59
N ASP A 90 1.39 3.46 -16.42
CA ASP A 90 2.23 3.87 -17.54
C ASP A 90 3.17 2.78 -18.02
N THR A 91 3.14 1.61 -17.37
CA THR A 91 3.94 0.47 -17.79
C THR A 91 3.42 -0.06 -19.11
N ALA A 92 4.26 -0.07 -20.14
CA ALA A 92 3.81 -0.39 -21.49
C ALA A 92 4.99 -0.64 -22.41
N VAL A 93 4.71 -1.18 -23.58
CA VAL A 93 5.63 -1.13 -24.70
C VAL A 93 5.35 0.16 -25.46
N TYR A 94 6.37 1.01 -25.59
CA TYR A 94 6.23 2.30 -26.26
C TYR A 94 6.81 2.22 -27.66
N TYR A 95 5.98 2.59 -28.64
CA TYR A 95 6.36 2.59 -30.05
C TYR A 95 6.38 4.02 -30.56
N CYS A 96 7.34 4.32 -31.42
CA CYS A 96 7.26 5.52 -32.26
C CYS A 96 6.72 5.10 -33.62
N ALA A 97 5.89 5.96 -34.19
CA ALA A 97 5.28 5.67 -35.47
C ALA A 97 5.37 6.89 -36.38
N ARG A 98 5.54 6.61 -37.67
CA ARG A 98 5.59 7.65 -38.68
C ARG A 98 4.18 8.15 -38.98
N ASP A 99 4.05 9.45 -39.22
CA ASP A 99 2.73 10.04 -39.40
C ASP A 99 2.60 10.70 -40.77
N GLY A 100 2.23 11.97 -40.80
CA GLY A 100 1.99 12.64 -42.08
C GLY A 100 3.27 13.00 -42.83
N TYR A 101 3.19 12.90 -44.16
CA TYR A 101 4.25 13.28 -45.08
C TYR A 101 4.03 14.73 -45.46
N CYS A 102 4.97 15.62 -45.12
CA CYS A 102 4.80 17.06 -45.37
C CYS A 102 5.90 17.68 -46.23
N PRO A 103 6.00 17.29 -47.52
CA PRO A 103 6.98 17.98 -48.38
C PRO A 103 6.56 19.43 -48.60
N LYS A 104 7.50 20.34 -48.36
CA LYS A 104 7.30 21.80 -48.51
C LYS A 104 6.16 22.32 -47.62
N GLY A 105 5.91 21.65 -46.50
CA GLY A 105 4.84 22.04 -45.59
C GLY A 105 3.45 21.49 -45.90
N VAL A 106 3.24 20.86 -47.05
CA VAL A 106 1.92 20.36 -47.43
C VAL A 106 1.81 18.90 -46.97
N CYS A 107 1.05 18.69 -45.90
CA CYS A 107 0.94 17.37 -45.27
C CYS A 107 -0.12 16.49 -45.93
N THR A 108 0.21 15.20 -46.05
CA THR A 108 -0.66 14.12 -46.53
C THR A 108 -0.43 12.93 -45.62
N TYR A 109 -1.49 12.26 -45.18
CA TYR A 109 -1.34 11.34 -44.04
C TYR A 109 -0.77 9.97 -44.41
N TYR A 110 -1.49 9.20 -45.23
CA TYR A 110 -1.12 7.85 -45.72
C TYR A 110 -1.07 6.78 -44.62
N GLY A 111 -1.43 7.09 -43.38
CA GLY A 111 -1.42 6.10 -42.33
C GLY A 111 -0.07 6.01 -41.61
N MET A 112 -0.11 5.38 -40.44
CA MET A 112 1.10 5.10 -39.68
C MET A 112 1.70 3.82 -40.26
N ASP A 113 2.52 4.00 -41.29
CA ASP A 113 3.01 2.88 -42.09
C ASP A 113 4.33 2.32 -41.60
N VAL A 114 5.14 3.10 -40.91
CA VAL A 114 6.43 2.65 -40.41
C VAL A 114 6.43 2.79 -38.90
N TRP A 115 6.71 1.68 -38.21
CA TRP A 115 6.74 1.62 -36.76
C TRP A 115 8.11 1.16 -36.31
N GLY A 116 8.49 1.56 -35.12
CA GLY A 116 9.64 0.96 -34.49
C GLY A 116 9.30 -0.35 -33.81
N GLN A 117 10.34 -1.03 -33.33
CA GLN A 117 10.15 -2.33 -32.70
C GLN A 117 9.61 -2.24 -31.28
N GLY A 118 9.66 -1.07 -30.66
CA GLY A 118 9.13 -0.88 -29.32
C GLY A 118 10.18 -0.96 -28.24
N THR A 119 10.06 -0.13 -27.21
CA THR A 119 10.92 -0.21 -26.03
C THR A 119 10.02 -0.29 -24.79
N THR A 120 10.38 -1.18 -23.87
CA THR A 120 9.48 -1.52 -22.77
C THR A 120 9.81 -0.68 -21.53
N VAL A 121 8.79 -0.01 -20.99
CA VAL A 121 8.90 0.74 -19.75
C VAL A 121 8.12 -0.02 -18.69
N THR A 122 8.81 -0.41 -17.62
CA THR A 122 8.24 -1.07 -16.47
C THR A 122 8.36 -0.15 -15.27
N VAL A 123 7.22 0.27 -14.72
CA VAL A 123 7.19 1.13 -13.56
C VAL A 123 6.83 0.28 -12.34
N SER A 124 7.80 0.09 -11.45
CA SER A 124 7.61 -0.73 -10.26
C SER A 124 8.59 -0.26 -9.19
N ALA A 125 8.16 -0.37 -7.94
CA ALA A 125 9.06 -0.17 -6.81
C ALA A 125 9.80 -1.45 -6.46
N ALA A 126 9.55 -2.53 -7.18
CA ALA A 126 10.23 -3.80 -6.93
C ALA A 126 11.69 -3.70 -7.38
N SER A 127 12.50 -4.58 -6.82
CA SER A 127 13.90 -4.71 -7.16
C SER A 127 14.15 -6.04 -7.84
N THR A 128 15.34 -6.20 -8.40
CA THR A 128 15.70 -7.43 -9.08
C THR A 128 15.76 -8.59 -8.09
N LYS A 129 14.97 -9.63 -8.36
CA LYS A 129 14.83 -10.75 -7.44
C LYS A 129 14.72 -12.04 -8.24
N GLY A 130 15.55 -13.01 -7.90
CA GLY A 130 15.48 -14.32 -8.49
C GLY A 130 14.27 -15.09 -7.99
N PRO A 131 13.76 -16.01 -8.80
CA PRO A 131 12.51 -16.69 -8.45
C PRO A 131 12.72 -17.81 -7.45
N SER A 132 11.66 -18.10 -6.72
CA SER A 132 11.54 -19.35 -6.00
C SER A 132 10.84 -20.36 -6.91
N VAL A 133 11.35 -21.58 -6.95
CA VAL A 133 10.81 -22.62 -7.82
C VAL A 133 10.25 -23.71 -6.94
N PHE A 134 8.93 -23.89 -6.97
CA PHE A 134 8.26 -24.91 -6.18
C PHE A 134 7.69 -26.00 -7.08
N PRO A 135 7.68 -27.26 -6.63
CA PRO A 135 7.11 -28.31 -7.48
C PRO A 135 5.60 -28.39 -7.36
N LEU A 136 4.95 -28.58 -8.51
CA LEU A 136 3.54 -28.98 -8.58
C LEU A 136 3.58 -30.49 -8.75
N ALA A 137 3.51 -31.18 -7.63
CA ALA A 137 3.77 -32.61 -7.59
C ALA A 137 2.56 -33.39 -8.10
N PRO A 138 2.75 -34.40 -8.95
CA PRO A 138 1.61 -35.23 -9.37
C PRO A 138 1.11 -36.10 -8.23
N SER A 139 -0.20 -36.30 -8.20
CA SER A 139 -0.87 -37.14 -7.21
C SER A 139 -2.16 -37.63 -7.82
N SER A 140 -2.99 -38.32 -7.02
CA SER A 140 -4.28 -38.78 -7.51
C SER A 140 -5.18 -37.61 -7.89
N LYS A 141 -4.98 -36.45 -7.26
CA LYS A 141 -5.71 -35.24 -7.59
C LYS A 141 -5.26 -34.60 -8.90
N SER A 142 -4.18 -35.11 -9.51
CA SER A 142 -3.77 -34.65 -10.83
C SER A 142 -3.48 -35.82 -11.78
N THR A 143 -4.06 -37.00 -11.50
CA THR A 143 -4.09 -38.12 -12.42
C THR A 143 -5.55 -38.43 -12.67
N SER A 144 -5.96 -38.45 -13.94
CA SER A 144 -7.35 -38.65 -14.28
C SER A 144 -7.56 -39.89 -15.13
N GLY A 145 -7.27 -39.81 -16.42
CA GLY A 145 -7.33 -40.99 -17.26
C GLY A 145 -6.07 -41.82 -17.05
N GLY A 146 -5.24 -41.89 -18.09
CA GLY A 146 -3.95 -42.53 -17.97
C GLY A 146 -2.86 -41.47 -17.93
N THR A 147 -3.27 -40.22 -17.66
CA THR A 147 -2.39 -39.06 -17.77
C THR A 147 -2.26 -38.34 -16.44
N ALA A 148 -1.02 -38.15 -16.00
CA ALA A 148 -0.66 -37.31 -14.88
C ALA A 148 -0.28 -35.92 -15.37
N ALA A 149 -0.59 -34.92 -14.56
CA ALA A 149 -0.10 -33.56 -14.77
C ALA A 149 0.88 -33.22 -13.65
N LEU A 150 1.97 -32.55 -14.02
CA LEU A 150 2.95 -32.12 -13.03
C LEU A 150 3.52 -30.80 -13.52
N GLY A 151 4.19 -30.08 -12.62
CA GLY A 151 4.70 -28.80 -13.06
C GLY A 151 5.64 -28.14 -12.07
N CYS A 152 5.90 -26.87 -12.35
CA CYS A 152 6.73 -26.01 -11.52
C CYS A 152 6.05 -24.65 -11.41
N LEU A 153 6.01 -24.13 -10.20
CA LEU A 153 5.54 -22.79 -9.90
C LEU A 153 6.76 -21.90 -9.73
N VAL A 154 6.96 -20.99 -10.68
CA VAL A 154 8.08 -20.05 -10.69
C VAL A 154 7.53 -18.74 -10.12
N LYS A 155 7.73 -18.53 -8.82
CA LYS A 155 7.03 -17.50 -8.07
C LYS A 155 7.99 -16.43 -7.55
N ASP A 156 7.52 -15.18 -7.59
CA ASP A 156 8.17 -14.02 -6.96
C ASP A 156 9.53 -13.73 -7.57
N TYR A 157 9.50 -13.26 -8.83
CA TYR A 157 10.71 -12.82 -9.50
C TYR A 157 10.47 -11.47 -10.16
N PHE A 158 11.56 -10.72 -10.34
CA PHE A 158 11.54 -9.43 -11.00
C PHE A 158 12.94 -9.17 -11.53
N PRO A 159 13.09 -8.65 -12.74
CA PRO A 159 12.02 -8.40 -13.72
C PRO A 159 11.77 -9.63 -14.59
N GLU A 160 10.90 -9.47 -15.58
CA GLU A 160 10.74 -10.46 -16.63
C GLU A 160 12.01 -10.50 -17.48
N PRO A 161 12.25 -11.63 -18.19
CA PRO A 161 11.52 -12.90 -18.19
C PRO A 161 12.27 -14.05 -17.52
N VAL A 162 11.60 -15.20 -17.43
CA VAL A 162 12.26 -16.46 -17.09
C VAL A 162 12.03 -17.41 -18.25
N THR A 163 12.95 -18.35 -18.42
CA THR A 163 12.79 -19.45 -19.36
C THR A 163 12.68 -20.74 -18.58
N VAL A 164 11.80 -21.64 -19.05
CA VAL A 164 11.59 -22.92 -18.42
C VAL A 164 11.68 -23.99 -19.49
N SER A 165 12.53 -24.98 -19.26
CA SER A 165 12.54 -26.20 -20.08
C SER A 165 12.30 -27.39 -19.17
N TRP A 166 12.05 -28.55 -19.77
CA TRP A 166 11.81 -29.77 -19.01
C TRP A 166 12.80 -30.84 -19.43
N ASN A 167 13.50 -31.40 -18.44
CA ASN A 167 14.53 -32.44 -18.63
C ASN A 167 15.60 -31.99 -19.62
N SER A 168 16.03 -30.74 -19.47
CA SER A 168 17.08 -30.11 -20.30
C SER A 168 16.73 -30.15 -21.79
N GLY A 169 15.44 -30.02 -22.11
CA GLY A 169 15.00 -30.01 -23.49
C GLY A 169 14.49 -31.33 -24.01
N ALA A 170 14.71 -32.44 -23.30
CA ALA A 170 14.29 -33.74 -23.78
C ALA A 170 12.77 -33.89 -23.79
N LEU A 171 12.08 -33.15 -22.92
CA LEU A 171 10.63 -33.22 -22.80
C LEU A 171 10.04 -31.93 -23.36
N THR A 172 9.37 -32.02 -24.51
CA THR A 172 8.63 -30.91 -25.06
C THR A 172 7.17 -31.23 -25.35
N SER A 173 6.82 -32.51 -25.48
CA SER A 173 5.45 -32.90 -25.78
C SER A 173 4.54 -32.62 -24.59
N GLY A 174 3.44 -31.92 -24.85
CA GLY A 174 2.47 -31.65 -23.80
C GLY A 174 2.92 -30.64 -22.76
N VAL A 175 3.86 -29.77 -23.11
CA VAL A 175 4.39 -28.76 -22.20
C VAL A 175 3.66 -27.45 -22.43
N HIS A 176 3.18 -26.83 -21.35
CA HIS A 176 2.50 -25.54 -21.38
C HIS A 176 3.17 -24.63 -20.37
N THR A 177 3.85 -23.60 -20.86
CA THR A 177 4.42 -22.57 -20.01
C THR A 177 3.53 -21.34 -20.09
N PHE A 178 2.94 -20.97 -18.97
CA PHE A 178 1.93 -19.92 -18.94
C PHE A 178 2.56 -18.54 -19.03
N PRO A 179 1.81 -17.55 -19.51
CA PRO A 179 2.25 -16.16 -19.38
C PRO A 179 2.36 -15.75 -17.92
N ALA A 180 3.34 -14.89 -17.64
CA ALA A 180 3.52 -14.38 -16.29
C ALA A 180 2.36 -13.47 -15.90
N VAL A 181 1.99 -13.53 -14.61
CA VAL A 181 1.02 -12.61 -14.03
C VAL A 181 1.77 -11.65 -13.12
N LEU A 182 1.27 -10.44 -13.03
CA LEU A 182 1.82 -9.44 -12.13
C LEU A 182 1.06 -9.49 -10.81
N GLN A 183 1.77 -9.85 -9.74
CA GLN A 183 1.13 -9.91 -8.44
C GLN A 183 1.08 -8.52 -7.80
N SER A 184 0.29 -8.41 -6.74
CA SER A 184 0.16 -7.16 -6.00
C SER A 184 1.49 -6.71 -5.41
N SER A 185 2.38 -7.67 -5.12
CA SER A 185 3.73 -7.41 -4.62
C SER A 185 4.62 -6.68 -5.63
N GLY A 186 4.20 -6.54 -6.88
CA GLY A 186 5.07 -6.04 -7.92
C GLY A 186 5.97 -7.08 -8.55
N LEU A 187 5.97 -8.30 -8.02
CA LEU A 187 6.78 -9.39 -8.55
C LEU A 187 5.94 -10.23 -9.50
N TYR A 188 6.61 -10.86 -10.45
CA TYR A 188 5.95 -11.72 -11.42
C TYR A 188 5.95 -13.18 -10.95
N SER A 189 5.07 -13.97 -11.56
CA SER A 189 4.90 -15.36 -11.19
C SER A 189 4.24 -16.09 -12.35
N LEU A 190 4.71 -17.30 -12.64
CA LEU A 190 4.10 -18.13 -13.66
C LEU A 190 4.18 -19.60 -13.26
N SER A 191 3.53 -20.44 -14.06
CA SER A 191 3.59 -21.87 -13.89
C SER A 191 3.93 -22.53 -15.22
N SER A 192 4.61 -23.67 -15.15
CA SER A 192 4.90 -24.50 -16.30
C SER A 192 4.43 -25.91 -15.98
N VAL A 193 3.56 -26.46 -16.81
CA VAL A 193 2.99 -27.77 -16.57
C VAL A 193 3.30 -28.70 -17.75
N VAL A 194 3.21 -29.99 -17.49
CA VAL A 194 3.38 -31.02 -18.51
C VAL A 194 2.49 -32.20 -18.15
N THR A 195 1.86 -32.78 -19.18
CA THR A 195 1.07 -34.00 -19.03
C THR A 195 1.87 -35.18 -19.55
N VAL A 196 1.96 -36.23 -18.74
CA VAL A 196 2.72 -37.43 -19.05
C VAL A 196 1.80 -38.62 -18.83
N PRO A 197 2.12 -39.79 -19.39
CA PRO A 197 1.38 -40.99 -19.00
C PRO A 197 1.55 -41.27 -17.51
N SER A 198 0.43 -41.58 -16.84
CA SER A 198 0.46 -41.71 -15.38
C SER A 198 1.29 -42.91 -14.93
N SER A 199 1.35 -43.96 -15.74
CA SER A 199 2.19 -45.12 -15.40
C SER A 199 3.68 -44.86 -15.62
N SER A 200 4.08 -43.61 -15.87
CA SER A 200 5.48 -43.22 -16.01
C SER A 200 6.07 -42.63 -14.75
N LEU A 201 5.27 -42.41 -13.71
CA LEU A 201 5.72 -41.58 -12.58
C LEU A 201 6.72 -42.30 -11.69
N GLY A 202 6.59 -43.61 -11.54
CA GLY A 202 7.52 -44.32 -10.70
C GLY A 202 8.88 -44.55 -11.33
N THR A 203 8.98 -44.35 -12.62
CA THR A 203 10.19 -44.68 -13.35
C THR A 203 10.83 -43.49 -14.07
N GLN A 204 10.05 -42.57 -14.63
CA GLN A 204 10.66 -41.41 -15.29
C GLN A 204 10.86 -40.25 -14.30
N THR A 205 12.05 -39.67 -14.31
CA THR A 205 12.37 -38.50 -13.50
C THR A 205 12.05 -37.24 -14.29
N TYR A 206 11.34 -36.31 -13.65
CA TYR A 206 10.96 -35.05 -14.28
C TYR A 206 11.62 -33.90 -13.55
N ILE A 207 12.38 -33.10 -14.28
CA ILE A 207 13.11 -31.95 -13.75
C ILE A 207 12.77 -30.74 -14.59
N CYS A 208 12.36 -29.66 -13.94
CA CYS A 208 12.17 -28.39 -14.64
C CYS A 208 13.42 -27.54 -14.47
N ASN A 209 13.84 -26.90 -15.57
CA ASN A 209 15.02 -26.05 -15.60
C ASN A 209 14.52 -24.63 -15.76
N VAL A 210 14.64 -23.84 -14.68
CA VAL A 210 14.23 -22.45 -14.66
C VAL A 210 15.49 -21.59 -14.74
N ASN A 211 15.47 -20.61 -15.63
CA ASN A 211 16.60 -19.70 -15.80
C ASN A 211 16.08 -18.27 -15.80
N HIS A 212 16.67 -17.44 -14.95
CA HIS A 212 16.34 -16.02 -14.85
C HIS A 212 17.64 -15.27 -15.10
N LYS A 213 17.86 -14.89 -16.36
CA LYS A 213 19.08 -14.18 -16.72
C LYS A 213 19.24 -12.77 -16.12
N PRO A 214 18.18 -11.97 -15.84
CA PRO A 214 18.42 -10.69 -15.14
C PRO A 214 19.09 -10.84 -13.78
N SER A 215 18.64 -11.77 -12.95
CA SER A 215 19.37 -12.07 -11.74
C SER A 215 20.39 -13.14 -12.11
N ASN A 216 21.01 -13.78 -11.14
CA ASN A 216 21.93 -14.84 -11.49
C ASN A 216 21.40 -16.17 -10.98
N THR A 217 20.24 -16.57 -11.50
CA THR A 217 19.49 -17.70 -10.96
C THR A 217 19.28 -18.75 -12.05
N LYS A 218 19.79 -19.95 -11.79
CA LYS A 218 19.58 -21.13 -12.64
C LYS A 218 19.24 -22.28 -11.70
N VAL A 219 18.00 -22.75 -11.76
CA VAL A 219 17.49 -23.76 -10.84
C VAL A 219 17.08 -24.99 -11.64
N ASP A 220 17.42 -26.16 -11.12
CA ASP A 220 16.91 -27.43 -11.62
C ASP A 220 16.09 -28.05 -10.49
N LYS A 221 14.78 -28.16 -10.69
CA LYS A 221 13.87 -28.62 -9.66
C LYS A 221 13.32 -29.98 -10.05
N LYS A 222 13.62 -31.00 -9.25
CA LYS A 222 13.05 -32.32 -9.42
C LYS A 222 11.61 -32.32 -8.91
N VAL A 223 10.69 -32.80 -9.73
CA VAL A 223 9.27 -32.85 -9.41
C VAL A 223 8.91 -34.30 -9.23
N GLU A 224 8.60 -34.70 -7.99
CA GLU A 224 8.41 -36.08 -7.61
C GLU A 224 6.95 -36.35 -7.23
N PRO A 225 6.45 -37.58 -7.42
CA PRO A 225 5.04 -37.87 -7.10
C PRO A 225 4.80 -37.81 -5.59
N LYS A 226 3.63 -37.31 -5.23
CA LYS A 226 3.27 -37.18 -3.81
C LYS A 226 2.33 -38.32 -3.39
N GLU B 1 -13.14 12.85 -26.43
CA GLU B 1 -12.43 11.91 -27.29
C GLU B 1 -13.41 11.04 -28.06
N ILE B 2 -13.04 10.69 -29.29
CA ILE B 2 -13.87 9.82 -30.12
C ILE B 2 -13.63 8.38 -29.70
N VAL B 3 -14.72 7.66 -29.46
CA VAL B 3 -14.65 6.28 -29.00
C VAL B 3 -14.83 5.35 -30.18
N MET B 4 -13.81 4.52 -30.44
CA MET B 4 -13.88 3.47 -31.44
C MET B 4 -14.30 2.17 -30.78
N THR B 5 -15.31 1.51 -31.34
CA THR B 5 -15.86 0.29 -30.77
C THR B 5 -15.75 -0.84 -31.79
N GLN B 6 -15.02 -1.89 -31.43
CA GLN B 6 -14.86 -3.09 -32.25
C GLN B 6 -15.65 -4.23 -31.62
N SER B 7 -16.82 -4.50 -32.16
CA SER B 7 -17.70 -5.53 -31.63
C SER B 7 -18.06 -6.51 -32.75
N PRO B 8 -17.87 -7.83 -32.55
CA PRO B 8 -17.38 -8.52 -31.34
C PRO B 8 -15.87 -8.47 -31.18
N ALA B 9 -15.38 -8.71 -29.96
CA ALA B 9 -13.95 -8.66 -29.70
C ALA B 9 -13.21 -9.92 -30.11
N THR B 10 -13.93 -11.03 -30.37
CA THR B 10 -13.31 -12.26 -30.84
C THR B 10 -14.17 -12.84 -31.95
N LEU B 11 -13.52 -13.47 -32.93
CA LEU B 11 -14.20 -14.21 -33.98
C LEU B 11 -13.48 -15.55 -34.17
N SER B 12 -14.25 -16.64 -34.16
CA SER B 12 -13.71 -17.98 -34.39
C SER B 12 -13.92 -18.33 -35.86
N VAL B 13 -12.82 -18.41 -36.60
CA VAL B 13 -12.89 -18.52 -38.06
C VAL B 13 -11.94 -19.61 -38.53
N SER B 14 -12.19 -20.08 -39.75
CA SER B 14 -11.42 -21.12 -40.39
C SER B 14 -10.74 -20.57 -41.63
N PRO B 15 -9.62 -21.16 -42.05
CA PRO B 15 -8.97 -20.70 -43.30
C PRO B 15 -9.88 -20.89 -44.50
N GLY B 16 -9.90 -19.88 -45.37
CA GLY B 16 -10.67 -19.91 -46.59
C GLY B 16 -11.96 -19.14 -46.54
N GLU B 17 -12.50 -18.87 -45.35
CA GLU B 17 -13.80 -18.22 -45.26
C GLU B 17 -13.64 -16.70 -45.28
N ARG B 18 -14.71 -16.05 -45.71
CA ARG B 18 -14.76 -14.59 -45.75
C ARG B 18 -15.07 -14.09 -44.34
N VAL B 19 -14.18 -13.26 -43.78
CA VAL B 19 -14.35 -12.76 -42.43
C VAL B 19 -14.54 -11.25 -42.47
N THR B 20 -15.43 -10.77 -41.61
CA THR B 20 -15.84 -9.37 -41.55
C THR B 20 -15.64 -8.84 -40.14
N LEU B 21 -14.85 -7.78 -40.02
CA LEU B 21 -14.60 -7.11 -38.75
C LEU B 21 -15.29 -5.75 -38.77
N SER B 22 -15.86 -5.37 -37.63
CA SER B 22 -16.72 -4.21 -37.53
C SER B 22 -16.05 -3.12 -36.71
N CYS B 23 -16.32 -1.87 -37.07
CA CYS B 23 -15.78 -0.73 -36.34
C CYS B 23 -16.83 0.37 -36.32
N ARG B 24 -17.04 0.94 -35.14
CA ARG B 24 -18.05 1.97 -34.92
C ARG B 24 -17.38 3.13 -34.20
N ALA B 25 -17.70 4.35 -34.63
CA ALA B 25 -17.20 5.57 -34.02
C ALA B 25 -18.31 6.34 -33.33
N SER B 26 -17.97 7.02 -32.24
CA SER B 26 -18.96 7.76 -31.47
C SER B 26 -19.43 9.03 -32.17
N GLN B 27 -18.67 9.51 -33.16
CA GLN B 27 -19.10 10.61 -34.01
C GLN B 27 -18.45 10.40 -35.37
N SER B 28 -18.90 11.18 -36.36
CA SER B 28 -18.43 10.99 -37.73
C SER B 28 -16.95 11.34 -37.84
N VAL B 29 -16.18 10.41 -38.40
CA VAL B 29 -14.76 10.62 -38.67
C VAL B 29 -14.48 10.60 -40.18
N ARG B 30 -15.54 10.75 -40.99
CA ARG B 30 -15.50 10.79 -42.46
C ARG B 30 -14.87 9.50 -42.98
N SER B 31 -13.79 9.57 -43.75
CA SER B 31 -13.06 8.39 -44.19
C SER B 31 -11.72 8.26 -43.50
N ARG B 32 -11.46 9.07 -42.48
CA ARG B 32 -10.16 9.08 -41.82
C ARG B 32 -10.09 7.94 -40.81
N LEU B 33 -9.94 6.73 -41.36
CA LEU B 33 -10.02 5.49 -40.59
C LEU B 33 -8.98 4.52 -41.13
N ALA B 34 -8.17 3.97 -40.22
CA ALA B 34 -7.08 3.08 -40.57
C ALA B 34 -7.24 1.76 -39.84
N TRP B 35 -6.78 0.68 -40.47
CA TRP B 35 -6.80 -0.66 -39.91
C TRP B 35 -5.38 -1.18 -39.78
N PHE B 36 -5.07 -1.73 -38.60
CA PHE B 36 -3.80 -2.35 -38.25
C PHE B 36 -3.98 -3.81 -37.86
N GLN B 37 -2.96 -4.61 -38.15
CA GLN B 37 -2.85 -5.99 -37.73
C GLN B 37 -1.70 -6.12 -36.75
N GLN B 38 -1.92 -6.84 -35.65
CA GLN B 38 -0.85 -7.07 -34.68
C GLN B 38 -0.86 -8.53 -34.25
N LYS B 39 0.27 -9.13 -34.30
CA LYS B 39 0.61 -10.46 -33.83
C LYS B 39 1.42 -10.33 -32.53
N PRO B 40 1.32 -11.32 -31.63
CA PRO B 40 1.90 -11.15 -30.29
C PRO B 40 3.41 -10.97 -30.30
N GLY B 41 3.87 -9.96 -29.57
CA GLY B 41 5.29 -9.65 -29.53
C GLY B 41 5.83 -8.97 -30.76
N GLN B 42 4.99 -8.21 -31.48
CA GLN B 42 5.38 -7.56 -32.71
C GLN B 42 4.69 -6.21 -32.83
N ALA B 43 5.34 -5.29 -33.52
CA ALA B 43 4.76 -3.97 -33.75
C ALA B 43 3.53 -4.07 -34.65
N PRO B 44 2.58 -3.14 -34.50
CA PRO B 44 1.42 -3.13 -35.41
C PRO B 44 1.83 -2.91 -36.86
N ARG B 45 1.00 -3.41 -37.75
CA ARG B 45 1.25 -3.37 -39.19
C ARG B 45 0.06 -2.70 -39.87
N LEU B 46 0.33 -1.61 -40.58
CA LEU B 46 -0.73 -0.89 -41.27
C LEU B 46 -1.30 -1.75 -42.41
N LEU B 47 -2.61 -1.97 -42.37
CA LEU B 47 -3.32 -2.66 -43.44
C LEU B 47 -4.02 -1.68 -44.37
N ILE B 48 -4.84 -0.80 -43.80
CA ILE B 48 -5.71 0.08 -44.56
C ILE B 48 -5.57 1.50 -43.99
N TYR B 49 -5.58 2.50 -44.86
CA TYR B 49 -5.80 3.88 -44.45
C TYR B 49 -6.84 4.50 -45.37
N ASP B 50 -7.36 5.67 -44.93
CA ASP B 50 -8.41 6.42 -45.63
C ASP B 50 -9.63 5.54 -45.92
N ALA B 51 -9.95 4.69 -44.94
CA ALA B 51 -11.08 3.74 -44.90
C ALA B 51 -10.98 2.60 -45.92
N SER B 52 -10.42 2.85 -47.12
CA SER B 52 -10.47 1.83 -48.16
C SER B 52 -9.18 1.63 -48.94
N ILE B 53 -8.12 2.39 -48.70
CA ILE B 53 -6.89 2.27 -49.47
C ILE B 53 -5.97 1.27 -48.80
N ARG B 54 -5.51 0.27 -49.55
CA ARG B 54 -4.57 -0.71 -49.04
C ARG B 54 -3.18 -0.11 -48.93
N ALA B 55 -2.53 -0.34 -47.78
CA ALA B 55 -1.17 0.13 -47.56
C ALA B 55 -0.20 -0.62 -48.48
N THR B 56 1.01 -0.07 -48.58
CA THR B 56 2.02 -0.63 -49.48
C THR B 56 2.40 -2.05 -49.07
N GLY B 57 2.28 -2.98 -50.03
CA GLY B 57 2.64 -4.36 -49.80
C GLY B 57 1.57 -5.23 -49.17
N ILE B 58 0.37 -4.72 -48.97
CA ILE B 58 -0.68 -5.48 -48.28
C ILE B 58 -1.41 -6.35 -49.31
N PRO B 59 -1.61 -7.64 -49.05
CA PRO B 59 -2.24 -8.52 -50.06
C PRO B 59 -3.68 -8.12 -50.32
N ALA B 60 -4.15 -8.48 -51.52
CA ALA B 60 -5.44 -8.01 -52.02
C ALA B 60 -6.64 -8.58 -51.27
N ARG B 61 -6.46 -9.63 -50.46
CA ARG B 61 -7.59 -10.20 -49.74
C ARG B 61 -8.08 -9.28 -48.62
N PHE B 62 -7.25 -8.33 -48.18
CA PHE B 62 -7.69 -7.31 -47.25
C PHE B 62 -8.35 -6.16 -48.01
N SER B 63 -9.52 -5.73 -47.52
CA SER B 63 -10.18 -4.57 -48.13
C SER B 63 -11.03 -3.88 -47.06
N GLY B 64 -10.99 -2.56 -47.05
CA GLY B 64 -11.77 -1.77 -46.12
C GLY B 64 -12.92 -1.06 -46.82
N SER B 65 -13.98 -0.80 -46.06
CA SER B 65 -15.12 -0.06 -46.59
C SER B 65 -15.83 0.62 -45.43
N GLY B 66 -16.71 1.55 -45.77
CA GLY B 66 -17.51 2.26 -44.79
C GLY B 66 -17.16 3.74 -44.75
N SER B 67 -17.98 4.48 -44.01
CA SER B 67 -17.76 5.91 -43.87
C SER B 67 -18.53 6.44 -42.66
N GLY B 68 -18.24 7.69 -42.31
CA GLY B 68 -18.91 8.38 -41.23
C GLY B 68 -18.61 7.77 -39.89
N THR B 69 -19.49 6.87 -39.45
CA THR B 69 -19.33 6.17 -38.19
C THR B 69 -19.29 4.66 -38.33
N GLU B 70 -19.59 4.10 -39.50
CA GLU B 70 -19.65 2.65 -39.63
C GLU B 70 -18.60 2.19 -40.62
N PHE B 71 -17.73 1.27 -40.18
CA PHE B 71 -16.60 0.82 -40.95
C PHE B 71 -16.47 -0.70 -40.86
N THR B 72 -15.85 -1.26 -41.89
CA THR B 72 -15.82 -2.71 -42.08
C THR B 72 -14.49 -3.11 -42.71
N LEU B 73 -13.86 -4.15 -42.16
CA LEU B 73 -12.68 -4.76 -42.74
C LEU B 73 -13.02 -6.17 -43.19
N ILE B 74 -12.76 -6.47 -44.45
CA ILE B 74 -13.13 -7.76 -45.03
C ILE B 74 -11.85 -8.46 -45.46
N ILE B 75 -11.68 -9.69 -45.00
CA ILE B 75 -10.70 -10.62 -45.55
C ILE B 75 -11.46 -11.65 -46.37
N SER B 76 -11.26 -11.61 -47.69
CA SER B 76 -12.12 -12.36 -48.60
C SER B 76 -11.88 -13.86 -48.49
N SER B 77 -10.63 -14.26 -48.33
CA SER B 77 -10.27 -15.67 -48.13
C SER B 77 -9.17 -15.70 -47.09
N LEU B 78 -9.52 -16.11 -45.88
CA LEU B 78 -8.61 -16.06 -44.75
C LEU B 78 -7.48 -17.09 -44.90
N GLN B 79 -6.25 -16.64 -44.71
CA GLN B 79 -5.08 -17.51 -44.69
C GLN B 79 -4.63 -17.76 -43.26
N SER B 80 -3.77 -18.77 -43.08
CA SER B 80 -3.33 -19.16 -41.75
C SER B 80 -2.44 -18.12 -41.09
N GLU B 81 -1.78 -17.25 -41.85
CA GLU B 81 -1.01 -16.18 -41.22
C GLU B 81 -1.86 -14.98 -40.87
N ASP B 82 -3.16 -14.99 -41.16
CA ASP B 82 -4.04 -13.87 -40.86
C ASP B 82 -4.60 -13.92 -39.43
N PHE B 83 -4.29 -14.93 -38.64
CA PHE B 83 -4.79 -15.01 -37.28
C PHE B 83 -3.98 -14.05 -36.41
N ALA B 84 -4.62 -12.99 -35.96
CA ALA B 84 -3.98 -11.91 -35.22
C ALA B 84 -5.08 -11.05 -34.60
N VAL B 85 -4.68 -9.92 -34.02
CA VAL B 85 -5.59 -8.90 -33.50
C VAL B 85 -5.66 -7.77 -34.53
N TYR B 86 -6.84 -7.16 -34.66
CA TYR B 86 -7.03 -6.12 -35.64
C TYR B 86 -7.62 -4.89 -34.96
N TYR B 87 -6.99 -3.74 -35.19
CA TYR B 87 -7.37 -2.48 -34.55
C TYR B 87 -7.80 -1.49 -35.62
N CYS B 88 -8.90 -0.80 -35.39
CA CYS B 88 -9.23 0.38 -36.17
C CYS B 88 -8.79 1.62 -35.42
N GLN B 89 -8.63 2.73 -36.17
CA GLN B 89 -8.11 3.97 -35.61
C GLN B 89 -8.63 5.15 -36.42
N GLN B 90 -9.22 6.13 -35.76
CA GLN B 90 -9.61 7.36 -36.43
C GLN B 90 -8.51 8.40 -36.32
N TYR B 91 -8.53 9.36 -37.24
CA TYR B 91 -7.61 10.49 -37.19
C TYR B 91 -8.25 11.73 -37.78
N ASP B 92 -9.52 11.99 -37.44
CA ASP B 92 -10.29 12.97 -38.21
C ASP B 92 -9.91 14.43 -37.94
N ASN B 93 -10.32 15.05 -36.84
CA ASN B 93 -10.17 16.50 -36.75
C ASN B 93 -8.70 16.87 -36.54
N TRP B 94 -8.34 18.16 -36.81
CA TRP B 94 -6.91 18.49 -36.86
C TRP B 94 -6.20 18.29 -35.54
N PRO B 95 -6.52 19.00 -34.43
CA PRO B 95 -5.76 18.76 -33.20
C PRO B 95 -5.90 17.30 -32.83
N PRO B 96 -4.79 16.52 -32.95
CA PRO B 96 -4.86 15.13 -33.42
C PRO B 96 -5.88 14.22 -32.75
N ALA B 97 -5.76 14.03 -31.44
CA ALA B 97 -6.72 13.25 -30.65
C ALA B 97 -7.00 11.87 -31.25
N TYR B 98 -5.93 11.19 -31.66
CA TYR B 98 -6.07 9.87 -32.26
C TYR B 98 -6.52 8.86 -31.23
N THR B 99 -7.45 7.99 -31.60
CA THR B 99 -7.91 6.93 -30.71
C THR B 99 -8.01 5.62 -31.49
N PHE B 100 -7.81 4.52 -30.77
CA PHE B 100 -7.88 3.18 -31.30
C PHE B 100 -9.10 2.46 -30.77
N GLY B 101 -9.57 1.49 -31.54
CA GLY B 101 -10.46 0.50 -31.00
C GLY B 101 -9.74 -0.44 -30.03
N GLN B 102 -10.52 -1.24 -29.34
CA GLN B 102 -9.96 -2.14 -28.34
C GLN B 102 -9.54 -3.48 -28.95
N GLY B 103 -9.76 -3.68 -30.24
CA GLY B 103 -9.23 -4.86 -30.91
C GLY B 103 -10.24 -5.96 -31.14
N THR B 104 -10.11 -6.65 -32.28
CA THR B 104 -10.85 -7.87 -32.55
C THR B 104 -9.83 -8.96 -32.87
N LYS B 105 -9.85 -10.03 -32.09
CA LYS B 105 -8.90 -11.13 -32.25
C LYS B 105 -9.55 -12.22 -33.09
N LEU B 106 -8.80 -12.72 -34.07
CA LEU B 106 -9.23 -13.87 -34.87
C LEU B 106 -8.60 -15.12 -34.28
N GLU B 107 -9.43 -16.12 -33.99
CA GLU B 107 -8.99 -17.35 -33.36
C GLU B 107 -9.40 -18.52 -34.25
N ILE B 108 -8.67 -19.61 -34.14
CA ILE B 108 -8.87 -20.75 -35.03
C ILE B 108 -10.06 -21.57 -34.55
N LYS B 109 -11.07 -21.71 -35.43
CA LYS B 109 -12.19 -22.58 -35.16
C LYS B 109 -11.77 -24.04 -35.12
N ARG B 110 -12.23 -24.77 -34.10
CA ARG B 110 -12.04 -26.21 -34.01
C ARG B 110 -13.26 -26.78 -33.31
N THR B 111 -13.23 -28.08 -33.04
CA THR B 111 -14.33 -28.72 -32.33
C THR B 111 -14.18 -28.53 -30.82
N VAL B 112 -15.33 -28.57 -30.13
CA VAL B 112 -15.36 -28.41 -28.68
C VAL B 112 -14.55 -29.51 -28.01
N ALA B 113 -13.64 -29.12 -27.12
CA ALA B 113 -12.86 -30.03 -26.30
C ALA B 113 -13.04 -29.66 -24.84
N ALA B 114 -13.44 -30.63 -24.02
CA ALA B 114 -13.61 -30.39 -22.59
C ALA B 114 -12.26 -30.34 -21.88
N PRO B 115 -12.13 -29.50 -20.86
CA PRO B 115 -10.86 -29.44 -20.13
C PRO B 115 -10.66 -30.66 -19.25
N SER B 116 -9.39 -31.00 -19.05
CA SER B 116 -8.98 -31.95 -18.02
C SER B 116 -8.49 -31.16 -16.82
N VAL B 117 -9.15 -31.34 -15.68
CA VAL B 117 -8.90 -30.53 -14.50
C VAL B 117 -7.93 -31.25 -13.58
N PHE B 118 -6.92 -30.52 -13.10
CA PHE B 118 -5.91 -31.04 -12.20
C PHE B 118 -5.72 -30.01 -11.08
N ILE B 119 -5.66 -30.46 -9.82
CA ILE B 119 -5.42 -29.56 -8.70
C ILE B 119 -4.12 -29.94 -8.01
N PHE B 120 -3.35 -28.93 -7.61
CA PHE B 120 -2.04 -29.09 -6.98
C PHE B 120 -2.02 -28.42 -5.61
N PRO B 121 -1.86 -29.18 -4.53
CA PRO B 121 -1.73 -28.58 -3.20
C PRO B 121 -0.40 -27.84 -3.08
N PRO B 122 -0.25 -26.94 -2.10
CA PRO B 122 1.04 -26.26 -1.94
C PRO B 122 2.15 -27.24 -1.56
N SER B 123 3.36 -26.93 -2.02
CA SER B 123 4.50 -27.75 -1.67
C SER B 123 4.96 -27.39 -0.26
N ASP B 124 5.52 -28.38 0.43
CA ASP B 124 6.03 -28.15 1.79
C ASP B 124 7.19 -27.17 1.77
N GLU B 125 7.92 -27.10 0.66
CA GLU B 125 8.99 -26.13 0.51
C GLU B 125 8.43 -24.71 0.55
N GLN B 126 7.29 -24.47 -0.11
CA GLN B 126 6.63 -23.18 -0.05
C GLN B 126 5.94 -22.94 1.28
N LEU B 127 5.40 -23.99 1.90
CA LEU B 127 4.67 -23.83 3.16
C LEU B 127 5.56 -23.31 4.28
N LYS B 128 6.82 -23.76 4.32
CA LYS B 128 7.77 -23.24 5.29
C LYS B 128 8.07 -21.76 5.09
N SER B 129 7.87 -21.24 3.88
CA SER B 129 8.20 -19.85 3.58
C SER B 129 7.17 -18.86 4.12
N GLY B 130 5.97 -19.32 4.42
CA GLY B 130 4.94 -18.44 4.94
C GLY B 130 3.87 -18.03 3.95
N THR B 131 3.78 -18.72 2.81
CA THR B 131 2.75 -18.45 1.81
C THR B 131 2.35 -19.79 1.21
N ALA B 132 1.09 -19.92 0.82
CA ALA B 132 0.58 -21.15 0.23
C ALA B 132 -0.14 -20.82 -1.07
N SER B 133 0.16 -21.59 -2.11
CA SER B 133 -0.47 -21.41 -3.41
C SER B 133 -1.04 -22.73 -3.87
N VAL B 134 -2.32 -22.74 -4.19
CA VAL B 134 -2.99 -23.89 -4.79
C VAL B 134 -3.20 -23.58 -6.26
N VAL B 135 -2.90 -24.55 -7.13
CA VAL B 135 -2.96 -24.36 -8.56
C VAL B 135 -4.01 -25.30 -9.13
N CYS B 136 -4.94 -24.74 -9.90
CA CYS B 136 -5.95 -25.47 -10.65
C CYS B 136 -5.57 -25.40 -12.13
N LEU B 137 -5.34 -26.56 -12.75
CA LEU B 137 -4.96 -26.64 -14.16
C LEU B 137 -6.13 -27.12 -14.98
N LEU B 138 -6.50 -26.35 -16.00
CA LEU B 138 -7.50 -26.72 -16.99
C LEU B 138 -6.75 -26.90 -18.30
N ASN B 139 -6.66 -28.13 -18.79
CA ASN B 139 -5.77 -28.46 -19.89
C ASN B 139 -6.54 -28.79 -21.17
N ASN B 140 -6.04 -28.26 -22.29
CA ASN B 140 -6.44 -28.59 -23.67
C ASN B 140 -7.95 -28.52 -23.89
N PHE B 141 -8.52 -27.33 -23.75
CA PHE B 141 -9.94 -27.13 -23.98
C PHE B 141 -10.18 -26.15 -25.12
N TYR B 142 -11.41 -26.21 -25.65
CA TYR B 142 -11.91 -25.29 -26.68
C TYR B 142 -13.42 -25.29 -26.58
N PRO B 143 -14.08 -24.12 -26.66
CA PRO B 143 -13.50 -22.78 -26.86
C PRO B 143 -12.93 -22.15 -25.59
N ARG B 144 -12.57 -20.87 -25.70
CA ARG B 144 -11.77 -20.20 -24.69
C ARG B 144 -12.53 -20.02 -23.38
N GLU B 145 -13.85 -19.88 -23.46
CA GLU B 145 -14.68 -19.48 -22.32
C GLU B 145 -14.79 -20.63 -21.32
N ALA B 146 -14.21 -20.44 -20.14
CA ALA B 146 -14.33 -21.37 -19.03
C ALA B 146 -14.36 -20.58 -17.74
N LYS B 147 -15.04 -21.11 -16.73
CA LYS B 147 -15.11 -20.49 -15.41
C LYS B 147 -14.47 -21.41 -14.36
N VAL B 148 -13.61 -20.85 -13.53
CA VAL B 148 -13.06 -21.53 -12.36
C VAL B 148 -13.56 -20.81 -11.11
N GLN B 149 -14.18 -21.57 -10.22
CA GLN B 149 -14.63 -21.07 -8.92
C GLN B 149 -13.84 -21.78 -7.84
N TRP B 150 -13.29 -21.03 -6.90
CA TRP B 150 -12.57 -21.61 -5.77
C TRP B 150 -13.49 -21.71 -4.58
N LYS B 151 -13.37 -22.81 -3.84
CA LYS B 151 -14.14 -23.01 -2.62
C LYS B 151 -13.19 -23.50 -1.54
N VAL B 152 -13.14 -22.79 -0.42
CA VAL B 152 -12.31 -23.12 0.72
C VAL B 152 -13.25 -23.44 1.87
N ASP B 153 -13.28 -24.71 2.27
CA ASP B 153 -14.25 -25.26 3.22
C ASP B 153 -15.69 -24.99 2.76
N ASN B 154 -15.92 -25.21 1.46
CA ASN B 154 -17.24 -25.06 0.82
C ASN B 154 -17.77 -23.64 0.92
N ALA B 155 -16.87 -22.66 0.80
CA ALA B 155 -17.23 -21.24 0.81
C ALA B 155 -16.54 -20.58 -0.37
N LEU B 156 -17.34 -19.86 -1.19
CA LEU B 156 -16.83 -19.29 -2.42
C LEU B 156 -15.77 -18.21 -2.14
N GLN B 157 -14.66 -18.28 -2.86
CA GLN B 157 -13.55 -17.36 -2.68
C GLN B 157 -13.68 -16.18 -3.63
N SER B 158 -13.24 -15.02 -3.17
CA SER B 158 -13.32 -13.80 -3.96
C SER B 158 -12.04 -13.00 -3.81
N GLY B 159 -11.43 -12.65 -4.94
CA GLY B 159 -10.34 -11.68 -4.99
C GLY B 159 -8.97 -12.19 -4.61
N ASN B 160 -8.80 -13.50 -4.41
CA ASN B 160 -7.51 -14.06 -4.05
C ASN B 160 -7.02 -15.10 -5.05
N SER B 161 -7.52 -15.06 -6.29
CA SER B 161 -7.04 -15.95 -7.33
C SER B 161 -6.62 -15.11 -8.53
N GLN B 162 -5.60 -15.60 -9.24
CA GLN B 162 -5.17 -15.04 -10.50
C GLN B 162 -5.22 -16.12 -11.58
N GLU B 163 -5.52 -15.71 -12.80
CA GLU B 163 -5.71 -16.63 -13.90
C GLU B 163 -4.78 -16.27 -15.05
N SER B 164 -4.40 -17.29 -15.81
CA SER B 164 -3.44 -17.15 -16.90
C SER B 164 -3.76 -18.22 -17.94
N VAL B 165 -3.77 -17.84 -19.21
CA VAL B 165 -4.23 -18.71 -20.28
C VAL B 165 -3.22 -18.66 -21.43
N THR B 166 -2.89 -19.83 -21.97
CA THR B 166 -1.95 -19.91 -23.09
C THR B 166 -2.62 -19.43 -24.38
N GLU B 167 -1.78 -19.19 -25.38
CA GLU B 167 -2.28 -19.01 -26.74
C GLU B 167 -2.75 -20.35 -27.28
N GLN B 168 -3.43 -20.29 -28.42
CA GLN B 168 -3.90 -21.52 -29.07
C GLN B 168 -2.71 -22.39 -29.45
N ASP B 169 -2.77 -23.66 -29.05
CA ASP B 169 -1.66 -24.58 -29.27
C ASP B 169 -1.43 -24.80 -30.77
N SER B 170 -0.17 -24.81 -31.17
CA SER B 170 0.19 -24.85 -32.58
C SER B 170 -0.20 -26.15 -33.26
N LYS B 171 -0.48 -27.21 -32.48
CA LYS B 171 -0.89 -28.49 -33.04
C LYS B 171 -2.40 -28.68 -33.04
N ASP B 172 -3.06 -28.53 -31.88
CA ASP B 172 -4.48 -28.88 -31.77
C ASP B 172 -5.40 -27.69 -31.54
N SER B 173 -4.86 -26.46 -31.47
CA SER B 173 -5.62 -25.21 -31.36
C SER B 173 -6.46 -25.12 -30.08
N THR B 174 -6.07 -25.86 -29.05
CA THR B 174 -6.76 -25.78 -27.76
C THR B 174 -6.08 -24.73 -26.87
N TYR B 175 -6.75 -24.43 -25.75
CA TYR B 175 -6.25 -23.53 -24.73
C TYR B 175 -5.94 -24.30 -23.46
N SER B 176 -5.07 -23.72 -22.63
CA SER B 176 -4.89 -24.21 -21.27
C SER B 176 -4.97 -23.02 -20.32
N LEU B 177 -5.30 -23.32 -19.07
CA LEU B 177 -5.59 -22.26 -18.12
C LEU B 177 -5.12 -22.69 -16.73
N SER B 178 -4.41 -21.81 -16.05
CA SER B 178 -4.06 -21.99 -14.65
C SER B 178 -4.84 -21.00 -13.81
N SER B 179 -5.30 -21.45 -12.65
CA SER B 179 -5.84 -20.57 -11.62
C SER B 179 -5.04 -20.81 -10.36
N THR B 180 -4.44 -19.75 -9.83
CA THR B 180 -3.61 -19.85 -8.65
C THR B 180 -4.31 -19.13 -7.50
N LEU B 181 -4.79 -19.91 -6.54
CA LEU B 181 -5.32 -19.38 -5.29
C LEU B 181 -4.16 -19.12 -4.34
N THR B 182 -3.96 -17.86 -3.96
CA THR B 182 -2.85 -17.46 -3.11
C THR B 182 -3.37 -17.08 -1.73
N LEU B 183 -2.86 -17.77 -0.71
CA LEU B 183 -3.31 -17.59 0.67
C LEU B 183 -2.10 -17.37 1.56
N SER B 184 -2.30 -16.66 2.67
CA SER B 184 -1.25 -16.62 3.67
C SER B 184 -1.15 -17.98 4.36
N LYS B 185 0.01 -18.22 4.99
CA LYS B 185 0.24 -19.48 5.68
C LYS B 185 -0.79 -19.72 6.79
N ALA B 186 -1.06 -18.69 7.58
CA ALA B 186 -2.02 -18.82 8.68
C ALA B 186 -3.43 -19.13 8.17
N ASP B 187 -3.87 -18.40 7.14
CA ASP B 187 -5.19 -18.66 6.55
C ASP B 187 -5.28 -20.07 5.99
N TYR B 188 -4.18 -20.55 5.38
CA TYR B 188 -4.19 -21.89 4.78
C TYR B 188 -4.35 -22.97 5.83
N GLU B 189 -3.73 -22.80 7.00
CA GLU B 189 -3.82 -23.80 8.06
C GLU B 189 -5.17 -23.78 8.77
N LYS B 190 -5.97 -22.74 8.58
CA LYS B 190 -7.23 -22.59 9.30
C LYS B 190 -8.40 -23.32 8.64
N HIS B 191 -8.21 -23.91 7.46
CA HIS B 191 -9.29 -24.55 6.73
C HIS B 191 -8.83 -25.92 6.23
N LYS B 192 -9.80 -26.80 5.96
CA LYS B 192 -9.49 -28.17 5.60
C LYS B 192 -9.66 -28.46 4.11
N VAL B 193 -10.81 -28.13 3.53
CA VAL B 193 -11.16 -28.60 2.19
C VAL B 193 -10.94 -27.48 1.17
N TYR B 194 -10.13 -27.76 0.16
CA TYR B 194 -9.81 -26.82 -0.90
C TYR B 194 -10.24 -27.41 -2.24
N ALA B 195 -11.03 -26.66 -3.00
CA ALA B 195 -11.66 -27.16 -4.21
C ALA B 195 -11.73 -26.09 -5.29
N CYS B 196 -11.49 -26.49 -6.54
CA CYS B 196 -11.83 -25.66 -7.69
C CYS B 196 -12.89 -26.36 -8.51
N GLU B 197 -13.90 -25.60 -8.92
CA GLU B 197 -15.04 -26.10 -9.67
C GLU B 197 -15.02 -25.49 -11.07
N VAL B 198 -15.03 -26.35 -12.08
CA VAL B 198 -14.84 -25.94 -13.47
C VAL B 198 -16.13 -26.15 -14.24
N THR B 199 -16.62 -25.10 -14.90
CA THR B 199 -17.74 -25.19 -15.82
C THR B 199 -17.25 -24.82 -17.22
N HIS B 200 -17.60 -25.65 -18.20
CA HIS B 200 -17.20 -25.43 -19.58
C HIS B 200 -18.26 -26.03 -20.49
N GLN B 201 -18.28 -25.52 -21.73
CA GLN B 201 -19.23 -25.92 -22.75
C GLN B 201 -19.13 -27.41 -23.11
N GLY B 202 -17.93 -27.98 -23.02
CA GLY B 202 -17.75 -29.39 -23.29
C GLY B 202 -18.01 -30.32 -22.11
N LEU B 203 -18.42 -29.79 -20.97
CA LEU B 203 -18.78 -30.58 -19.81
C LEU B 203 -20.30 -30.57 -19.60
N SER B 204 -20.86 -31.75 -19.31
CA SER B 204 -22.28 -31.88 -19.03
C SER B 204 -22.64 -31.46 -17.61
N SER B 205 -21.66 -31.43 -16.71
CA SER B 205 -21.86 -30.96 -15.34
C SER B 205 -20.57 -30.31 -14.88
N PRO B 206 -20.62 -29.49 -13.82
CA PRO B 206 -19.37 -28.95 -13.25
C PRO B 206 -18.41 -30.04 -12.79
N VAL B 207 -17.13 -29.82 -13.02
CA VAL B 207 -16.08 -30.73 -12.56
C VAL B 207 -15.41 -30.10 -11.36
N THR B 208 -15.37 -30.84 -10.25
CA THR B 208 -14.75 -30.37 -9.02
C THR B 208 -13.57 -31.27 -8.71
N LYS B 209 -12.40 -30.68 -8.53
CA LYS B 209 -11.25 -31.38 -8.00
C LYS B 209 -10.91 -30.78 -6.65
N SER B 210 -10.79 -31.62 -5.64
CA SER B 210 -10.61 -31.11 -4.28
C SER B 210 -9.61 -31.97 -3.54
N PHE B 211 -9.11 -31.42 -2.44
CA PHE B 211 -8.25 -32.13 -1.52
C PHE B 211 -8.48 -31.56 -0.12
N ASN B 212 -8.09 -32.34 0.88
CA ASN B 212 -8.08 -31.93 2.26
C ASN B 212 -6.64 -31.63 2.65
N ARG B 213 -6.43 -30.45 3.24
CA ARG B 213 -5.09 -30.02 3.62
C ARG B 213 -4.44 -31.03 4.56
N GLY B 214 -3.23 -31.48 4.19
CA GLY B 214 -2.58 -32.59 4.86
C GLY B 214 -3.16 -33.93 4.43
N GLU B 215 -3.13 -34.19 3.12
CA GLU B 215 -3.62 -35.39 2.41
C GLU B 215 -4.60 -36.35 3.13
N GLU C 1 -17.08 -10.47 9.67
CA GLU C 1 -15.74 -10.03 10.02
C GLU C 1 -15.31 -10.59 11.38
N VAL C 2 -14.00 -10.84 11.53
CA VAL C 2 -13.47 -11.17 12.85
C VAL C 2 -13.51 -9.91 13.72
N GLN C 3 -13.95 -10.07 14.96
CA GLN C 3 -14.24 -8.90 15.78
C GLN C 3 -13.97 -9.20 17.24
N LEU C 4 -13.26 -8.29 17.89
CA LEU C 4 -13.11 -8.24 19.34
C LEU C 4 -13.59 -6.86 19.78
N VAL C 5 -14.44 -6.81 20.81
CA VAL C 5 -14.99 -5.55 21.28
C VAL C 5 -14.92 -5.53 22.79
N GLU C 6 -14.21 -4.55 23.35
CA GLU C 6 -14.11 -4.42 24.79
C GLU C 6 -15.21 -3.51 25.33
N SER C 7 -15.35 -3.53 26.65
CA SER C 7 -16.21 -2.64 27.41
C SER C 7 -15.88 -2.80 28.88
N GLY C 8 -16.44 -1.92 29.69
CA GLY C 8 -16.25 -1.95 31.13
C GLY C 8 -15.35 -0.87 31.68
N GLY C 9 -14.63 -0.14 30.82
CA GLY C 9 -13.69 0.85 31.30
C GLY C 9 -14.35 2.14 31.73
N GLY C 10 -13.60 2.91 32.52
CA GLY C 10 -14.06 4.21 32.95
C GLY C 10 -13.19 4.75 34.07
N LEU C 11 -13.75 5.68 34.83
CA LEU C 11 -13.03 6.33 35.92
C LEU C 11 -13.19 5.49 37.18
N VAL C 12 -12.07 5.19 37.84
CA VAL C 12 -12.04 4.42 39.07
C VAL C 12 -11.22 5.18 40.10
N LYS C 13 -11.71 5.22 41.34
CA LYS C 13 -10.93 5.80 42.41
C LYS C 13 -9.71 4.93 42.71
N PRO C 14 -8.62 5.51 43.20
CA PRO C 14 -7.43 4.71 43.52
C PRO C 14 -7.73 3.65 44.58
N GLY C 15 -7.20 2.45 44.34
CA GLY C 15 -7.53 1.31 45.17
C GLY C 15 -8.88 0.67 44.89
N GLY C 16 -9.57 1.09 43.82
CA GLY C 16 -10.85 0.51 43.48
C GLY C 16 -10.70 -0.68 42.54
N SER C 17 -11.85 -1.19 42.12
CA SER C 17 -11.91 -2.39 41.29
C SER C 17 -12.74 -2.11 40.04
N LEU C 18 -12.42 -2.81 38.97
CA LEU C 18 -13.17 -2.67 37.73
C LEU C 18 -13.02 -3.97 36.94
N ARG C 19 -14.08 -4.36 36.23
CA ARG C 19 -14.06 -5.59 35.44
C ARG C 19 -14.27 -5.26 33.97
N LEU C 20 -13.25 -5.55 33.17
CA LEU C 20 -13.33 -5.36 31.73
C LEU C 20 -13.81 -6.64 31.06
N SER C 21 -14.58 -6.46 29.99
CA SER C 21 -15.15 -7.56 29.23
C SER C 21 -14.79 -7.36 27.76
N CYS C 22 -14.57 -8.48 27.08
CA CYS C 22 -14.20 -8.49 25.66
C CYS C 22 -15.02 -9.58 24.99
N VAL C 23 -15.92 -9.18 24.09
CA VAL C 23 -16.78 -10.12 23.37
C VAL C 23 -16.18 -10.36 21.99
N ALA C 24 -16.13 -11.62 21.58
CA ALA C 24 -15.57 -12.02 20.30
C ALA C 24 -16.69 -12.49 19.37
N SER C 25 -16.47 -12.30 18.07
CA SER C 25 -17.40 -12.81 17.07
C SER C 25 -16.65 -13.01 15.76
N GLY C 26 -17.22 -13.86 14.91
CA GLY C 26 -16.69 -14.12 13.60
C GLY C 26 -15.71 -15.28 13.53
N PHE C 27 -15.36 -15.89 14.65
CA PHE C 27 -14.44 -17.01 14.67
C PHE C 27 -14.78 -17.91 15.84
N SER C 28 -14.19 -19.10 15.85
CA SER C 28 -14.39 -20.07 16.94
C SER C 28 -13.59 -19.61 18.15
N PHE C 29 -14.26 -18.90 19.06
CA PHE C 29 -13.58 -18.27 20.19
C PHE C 29 -13.07 -19.29 21.20
N SER C 30 -13.75 -20.43 21.35
CA SER C 30 -13.37 -21.42 22.35
C SER C 30 -12.07 -22.14 22.02
N ILE C 31 -11.52 -21.90 20.83
CA ILE C 31 -10.32 -22.58 20.36
C ILE C 31 -9.06 -21.74 20.54
N TYR C 32 -9.19 -20.46 20.82
CA TYR C 32 -8.05 -19.55 20.87
C TYR C 32 -7.62 -19.23 22.30
N SER C 33 -6.31 -19.13 22.50
CA SER C 33 -5.78 -18.43 23.66
C SER C 33 -6.05 -16.93 23.51
N MET C 34 -6.01 -16.21 24.64
CA MET C 34 -6.41 -14.81 24.64
C MET C 34 -5.48 -13.99 25.51
N ASN C 35 -5.18 -12.76 25.08
CA ASN C 35 -4.28 -11.86 25.80
C ASN C 35 -4.97 -10.55 26.12
N TRP C 36 -4.53 -9.94 27.21
CA TRP C 36 -4.82 -8.55 27.55
C TRP C 36 -3.52 -7.78 27.51
N VAL C 37 -3.50 -6.70 26.72
CA VAL C 37 -2.34 -5.84 26.51
C VAL C 37 -2.78 -4.40 26.76
N ARG C 38 -2.00 -3.64 27.53
CA ARG C 38 -2.40 -2.28 27.86
C ARG C 38 -1.35 -1.28 27.41
N GLN C 39 -1.78 -0.02 27.30
CA GLN C 39 -0.90 1.06 26.86
C GLN C 39 -1.20 2.30 27.69
N ALA C 40 -0.23 2.69 28.53
CA ALA C 40 -0.32 3.90 29.32
C ALA C 40 -0.19 5.13 28.41
N PRO C 41 -0.73 6.28 28.82
CA PRO C 41 -0.67 7.48 27.96
C PRO C 41 0.75 7.92 27.64
N GLY C 42 1.04 7.97 26.34
CA GLY C 42 2.36 8.33 25.85
C GLY C 42 3.41 7.25 25.94
N LYS C 43 3.05 6.04 26.33
CA LYS C 43 4.00 4.96 26.53
C LYS C 43 3.79 3.85 25.51
N GLY C 44 4.62 2.80 25.61
CA GLY C 44 4.55 1.67 24.72
C GLY C 44 3.64 0.57 25.24
N LEU C 45 3.48 -0.46 24.41
CA LEU C 45 2.60 -1.57 24.74
C LEU C 45 3.20 -2.42 25.85
N GLU C 46 2.34 -2.90 26.74
CA GLU C 46 2.74 -3.82 27.81
C GLU C 46 1.76 -4.97 27.85
N TRP C 47 2.27 -6.20 27.74
CA TRP C 47 1.44 -7.38 27.94
C TRP C 47 1.05 -7.51 29.41
N VAL C 48 -0.22 -7.85 29.66
CA VAL C 48 -0.78 -7.91 31.00
C VAL C 48 -1.17 -9.33 31.37
N SER C 49 -1.89 -10.02 30.48
CA SER C 49 -2.43 -11.31 30.90
C SER C 49 -2.62 -12.26 29.73
N TYR C 50 -2.50 -13.55 30.02
CA TYR C 50 -2.76 -14.65 29.09
C TYR C 50 -3.74 -15.62 29.72
N ILE C 51 -4.63 -16.16 28.90
CA ILE C 51 -5.48 -17.28 29.30
C ILE C 51 -5.57 -18.29 28.17
N SER C 52 -5.38 -19.56 28.50
CA SER C 52 -5.49 -20.60 27.49
C SER C 52 -6.95 -20.83 27.13
N SER C 53 -7.17 -21.57 26.03
CA SER C 53 -8.52 -21.77 25.51
C SER C 53 -9.40 -22.53 26.49
N SER C 54 -8.81 -23.47 27.22
CA SER C 54 -9.52 -24.31 28.18
C SER C 54 -9.66 -23.67 29.55
N SER C 55 -9.17 -22.44 29.73
CA SER C 55 -8.97 -21.75 31.01
C SER C 55 -8.03 -22.49 31.95
N SER C 56 -7.29 -23.49 31.46
CA SER C 56 -6.44 -24.30 32.31
C SER C 56 -5.21 -23.51 32.78
N TYR C 57 -4.69 -22.64 31.93
CA TYR C 57 -3.50 -21.86 32.24
C TYR C 57 -3.82 -20.37 32.15
N LYS C 58 -3.52 -19.65 33.23
CA LYS C 58 -3.70 -18.20 33.31
C LYS C 58 -2.40 -17.60 33.83
N TYR C 59 -1.84 -16.66 33.08
CA TYR C 59 -0.54 -16.09 33.44
C TYR C 59 -0.60 -14.57 33.39
N TYR C 60 0.25 -13.92 34.18
CA TYR C 60 0.19 -12.48 34.39
C TYR C 60 1.58 -11.88 34.40
N ALA C 61 1.67 -10.65 33.90
CA ALA C 61 2.88 -9.86 34.09
C ALA C 61 3.05 -9.51 35.56
N ASP C 62 4.31 -9.32 35.97
CA ASP C 62 4.62 -9.09 37.38
C ASP C 62 4.05 -7.79 37.92
N SER C 63 3.80 -6.81 37.06
CA SER C 63 3.23 -5.53 37.50
C SER C 63 1.79 -5.67 37.96
N VAL C 64 1.09 -6.72 37.54
CA VAL C 64 -0.33 -6.90 37.85
C VAL C 64 -0.61 -8.20 38.60
N LYS C 65 0.37 -9.06 38.78
CA LYS C 65 0.15 -10.39 39.35
C LYS C 65 -0.24 -10.28 40.82
N GLY C 66 -1.27 -11.04 41.21
CA GLY C 66 -1.86 -10.95 42.53
C GLY C 66 -2.98 -9.93 42.63
N ARG C 67 -2.96 -8.89 41.80
CA ARG C 67 -4.01 -7.87 41.79
C ARG C 67 -5.04 -8.10 40.70
N PHE C 68 -4.66 -8.70 39.57
CA PHE C 68 -5.57 -8.88 38.45
C PHE C 68 -5.95 -10.35 38.34
N SER C 69 -7.08 -10.61 37.69
CA SER C 69 -7.57 -11.97 37.50
C SER C 69 -8.20 -12.10 36.12
N VAL C 70 -7.61 -12.94 35.26
CA VAL C 70 -8.17 -13.18 33.93
C VAL C 70 -9.11 -14.37 34.03
N SER C 71 -10.14 -14.35 33.19
CA SER C 71 -11.12 -15.42 33.14
C SER C 71 -11.77 -15.37 31.77
N ARG C 72 -12.51 -16.43 31.44
CA ARG C 72 -13.26 -16.42 30.20
C ARG C 72 -14.48 -17.30 30.36
N ASP C 73 -15.47 -17.04 29.52
CA ASP C 73 -16.70 -17.83 29.48
C ASP C 73 -16.97 -18.08 28.01
N ASN C 74 -16.67 -19.30 27.56
CA ASN C 74 -16.77 -19.65 26.15
C ASN C 74 -18.20 -19.71 25.65
N ALA C 75 -19.17 -19.88 26.55
CA ALA C 75 -20.58 -19.88 26.16
C ALA C 75 -21.02 -18.50 25.71
N LYS C 76 -20.60 -17.45 26.43
CA LYS C 76 -20.93 -16.08 26.06
C LYS C 76 -19.93 -15.49 25.08
N ASN C 77 -18.94 -16.27 24.66
CA ASN C 77 -17.83 -15.81 23.80
C ASN C 77 -17.13 -14.62 24.43
N SER C 78 -16.85 -14.73 25.74
CA SER C 78 -16.44 -13.58 26.53
C SER C 78 -15.11 -13.83 27.22
N LEU C 79 -14.32 -12.76 27.31
CA LEU C 79 -13.06 -12.72 28.03
C LEU C 79 -13.17 -11.62 29.07
N TYR C 80 -12.68 -11.88 30.28
CA TYR C 80 -12.83 -10.92 31.37
C TYR C 80 -11.49 -10.69 32.05
N LEU C 81 -11.29 -9.45 32.47
CA LEU C 81 -10.12 -9.07 33.27
C LEU C 81 -10.64 -8.30 34.49
N GLN C 82 -10.45 -8.87 35.67
CA GLN C 82 -10.80 -8.20 36.92
C GLN C 82 -9.57 -7.46 37.44
N LEU C 83 -9.72 -6.17 37.68
CA LEU C 83 -8.65 -5.30 38.14
C LEU C 83 -8.95 -4.88 39.57
N ASN C 84 -8.06 -5.23 40.50
CA ASN C 84 -8.16 -4.87 41.89
C ASN C 84 -6.95 -4.04 42.29
N GLY C 85 -7.12 -3.25 43.35
CA GLY C 85 -6.07 -2.38 43.85
C GLY C 85 -5.55 -1.41 42.82
N LEU C 86 -6.45 -0.76 42.10
CA LEU C 86 -6.06 0.08 40.98
C LEU C 86 -5.29 1.31 41.45
N ARG C 87 -4.24 1.64 40.70
CA ARG C 87 -3.35 2.74 41.00
C ARG C 87 -3.25 3.64 39.77
N ALA C 88 -2.61 4.80 39.95
CA ALA C 88 -2.50 5.75 38.85
C ALA C 88 -1.67 5.21 37.69
N GLU C 89 -0.70 4.33 37.97
CA GLU C 89 0.08 3.72 36.90
C GLU C 89 -0.72 2.70 36.09
N ASP C 90 -1.88 2.27 36.58
CA ASP C 90 -2.76 1.38 35.84
C ASP C 90 -3.65 2.11 34.85
N THR C 91 -3.56 3.45 34.78
CA THR C 91 -4.33 4.20 33.80
C THR C 91 -3.80 3.88 32.41
N ALA C 92 -4.67 3.35 31.54
CA ALA C 92 -4.21 2.86 30.25
C ALA C 92 -5.41 2.58 29.35
N VAL C 93 -5.12 2.38 28.08
CA VAL C 93 -6.05 1.74 27.15
C VAL C 93 -5.79 0.24 27.20
N TYR C 94 -6.81 -0.54 27.51
CA TYR C 94 -6.72 -1.99 27.63
C TYR C 94 -7.32 -2.62 26.37
N TYR C 95 -6.54 -3.48 25.73
CA TYR C 95 -6.92 -4.21 24.52
C TYR C 95 -6.97 -5.70 24.83
N CYS C 96 -7.94 -6.38 24.24
CA CYS C 96 -7.90 -7.83 24.14
C CYS C 96 -7.37 -8.19 22.76
N ALA C 97 -6.56 -9.25 22.72
CA ALA C 97 -5.92 -9.67 21.49
C ALA C 97 -6.00 -11.19 21.36
N ARG C 98 -6.11 -11.64 20.12
CA ARG C 98 -6.13 -13.06 19.82
C ARG C 98 -4.72 -13.62 19.90
N ASP C 99 -4.59 -14.87 20.38
CA ASP C 99 -3.29 -15.46 20.64
C ASP C 99 -3.19 -16.76 19.84
N GLY C 100 -2.90 -17.89 20.50
CA GLY C 100 -2.65 -19.15 19.80
C GLY C 100 -3.92 -19.75 19.20
N TYR C 101 -3.72 -20.56 18.15
CA TYR C 101 -4.85 -21.13 17.41
C TYR C 101 -5.42 -22.38 18.08
N CYS C 102 -4.58 -23.36 18.40
CA CYS C 102 -4.96 -24.58 19.12
C CYS C 102 -6.19 -25.34 18.62
N PRO C 103 -6.19 -25.82 17.36
CA PRO C 103 -7.42 -26.45 16.83
C PRO C 103 -7.85 -27.74 17.51
N LYS C 104 -6.92 -28.60 17.92
CA LYS C 104 -7.27 -29.82 18.64
C LYS C 104 -6.47 -29.92 19.94
N GLY C 105 -6.17 -28.78 20.54
CA GLY C 105 -5.28 -28.70 21.67
C GLY C 105 -3.83 -28.55 21.26
N VAL C 106 -3.52 -28.72 19.98
CA VAL C 106 -2.17 -28.55 19.45
C VAL C 106 -2.06 -27.08 19.04
N CYS C 107 -1.41 -26.27 19.86
CA CYS C 107 -1.40 -24.83 19.63
C CYS C 107 -0.37 -24.43 18.59
N THR C 108 -0.74 -23.44 17.78
CA THR C 108 0.15 -22.87 16.78
C THR C 108 0.02 -21.36 16.83
N TYR C 109 1.14 -20.67 17.01
CA TYR C 109 1.14 -19.24 17.24
C TYR C 109 1.26 -18.54 15.89
N TYR C 110 0.26 -17.74 15.54
CA TYR C 110 0.29 -16.95 14.31
C TYR C 110 0.43 -15.47 14.59
N GLY C 111 0.71 -15.09 15.83
CA GLY C 111 0.83 -13.71 16.21
C GLY C 111 -0.48 -13.14 16.70
N MET C 112 -0.39 -12.00 17.38
CA MET C 112 -1.59 -11.29 17.80
C MET C 112 -2.12 -10.50 16.61
N ASP C 113 -2.94 -11.17 15.79
CA ASP C 113 -3.39 -10.60 14.53
C ASP C 113 -4.73 -9.88 14.65
N VAL C 114 -5.57 -10.23 15.64
CA VAL C 114 -6.88 -9.62 15.82
C VAL C 114 -6.91 -8.93 17.17
N TRP C 115 -7.21 -7.63 17.17
CA TRP C 115 -7.24 -6.81 18.37
C TRP C 115 -8.62 -6.18 18.53
N GLY C 116 -8.97 -5.84 19.76
CA GLY C 116 -10.11 -4.99 20.00
C GLY C 116 -9.77 -3.52 19.83
N GLN C 117 -10.81 -2.68 19.88
CA GLN C 117 -10.61 -1.24 19.69
C GLN C 117 -10.04 -0.55 20.92
N GLY C 118 -10.08 -1.21 22.08
CA GLY C 118 -9.53 -0.67 23.30
C GLY C 118 -10.58 -0.03 24.19
N THR C 119 -10.46 -0.24 25.49
CA THR C 119 -11.32 0.41 26.47
C THR C 119 -10.43 1.12 27.48
N THR C 120 -10.78 2.36 27.83
CA THR C 120 -9.89 3.21 28.61
C THR C 120 -10.23 3.13 30.09
N VAL C 121 -9.22 2.85 30.91
CA VAL C 121 -9.33 2.88 32.36
C VAL C 121 -8.53 4.07 32.85
N THR C 122 -9.22 4.98 33.55
CA THR C 122 -8.61 6.14 34.18
C THR C 122 -8.73 5.99 35.68
N VAL C 123 -7.60 5.91 36.36
CA VAL C 123 -7.57 5.79 37.81
C VAL C 123 -7.21 7.15 38.37
N SER C 124 -8.17 7.79 39.02
CA SER C 124 -8.00 9.15 39.51
C SER C 124 -8.91 9.38 40.71
N ALA C 125 -8.45 10.22 41.63
CA ALA C 125 -9.32 10.72 42.70
C ALA C 125 -10.05 11.99 42.30
N ALA C 126 -9.83 12.48 41.08
CA ALA C 126 -10.49 13.68 40.59
C ALA C 126 -11.96 13.44 40.30
N SER C 127 -12.72 14.54 40.29
CA SER C 127 -14.12 14.54 39.93
C SER C 127 -14.31 15.31 38.64
N THR C 128 -15.50 15.18 38.05
CA THR C 128 -15.80 15.88 36.80
C THR C 128 -15.82 17.38 37.03
N LYS C 129 -14.98 18.11 36.29
CA LYS C 129 -14.79 19.53 36.50
C LYS C 129 -14.62 20.24 35.17
N GLY C 130 -15.41 21.28 34.95
CA GLY C 130 -15.28 22.10 33.77
C GLY C 130 -14.04 22.99 33.82
N PRO C 131 -13.51 23.33 32.65
CA PRO C 131 -12.24 24.07 32.61
C PRO C 131 -12.43 25.56 32.84
N SER C 132 -11.35 26.18 33.33
CA SER C 132 -11.21 27.62 33.27
C SER C 132 -10.47 27.97 31.98
N VAL C 133 -10.95 28.99 31.28
CA VAL C 133 -10.37 29.39 30.00
C VAL C 133 -9.77 30.78 30.16
N PHE C 134 -8.45 30.88 30.05
CA PHE C 134 -7.75 32.15 30.20
C PHE C 134 -7.14 32.59 28.88
N PRO C 135 -7.07 33.88 28.59
CA PRO C 135 -6.49 34.32 27.33
C PRO C 135 -4.97 34.42 27.39
N LEU C 136 -4.32 33.97 26.33
CA LEU C 136 -2.91 34.23 26.06
C LEU C 136 -2.90 35.43 25.12
N ALA C 137 -2.80 36.62 25.69
CA ALA C 137 -3.03 37.87 24.98
C ALA C 137 -1.81 38.23 24.12
N PRO C 138 -2.03 38.67 22.88
CA PRO C 138 -0.90 39.13 22.06
C PRO C 138 -0.40 40.49 22.56
N SER C 139 0.92 40.68 22.49
CA SER C 139 1.57 41.92 22.88
C SER C 139 2.88 42.00 22.11
N SER C 140 3.69 43.02 22.43
CA SER C 140 5.01 43.12 21.81
C SER C 140 5.92 41.95 22.21
N LYS C 141 5.67 41.35 23.37
CA LYS C 141 6.41 40.18 23.80
C LYS C 141 6.03 38.91 23.05
N SER C 142 5.00 38.97 22.20
CA SER C 142 4.63 37.85 21.34
C SER C 142 4.41 38.30 19.89
N THR C 143 5.05 39.39 19.47
CA THR C 143 5.08 39.77 18.05
C THR C 143 6.52 39.83 17.56
N SER C 144 6.84 38.99 16.58
CA SER C 144 8.17 38.94 15.96
C SER C 144 8.00 39.04 14.46
N GLY C 145 8.54 40.10 13.87
CA GLY C 145 8.55 40.23 12.42
C GLY C 145 7.18 40.26 11.77
N GLY C 146 6.24 40.98 12.35
CA GLY C 146 4.92 41.14 11.78
C GLY C 146 3.97 40.00 12.05
N THR C 147 4.32 39.09 12.96
CA THR C 147 3.50 37.93 13.27
C THR C 147 3.21 37.95 14.77
N ALA C 148 1.94 38.03 15.12
CA ALA C 148 1.51 37.92 16.51
C ALA C 148 1.09 36.49 16.82
N ALA C 149 1.39 36.05 18.03
CA ALA C 149 0.88 34.80 18.55
C ALA C 149 -0.11 35.10 19.67
N LEU C 150 -1.21 34.35 19.69
CA LEU C 150 -2.20 34.51 20.74
C LEU C 150 -2.81 33.14 21.01
N GLY C 151 -3.52 33.02 22.12
CA GLY C 151 -4.06 31.71 22.42
C GLY C 151 -5.03 31.70 23.57
N CYS C 152 -5.33 30.47 24.01
CA CYS C 152 -6.18 30.19 25.14
C CYS C 152 -5.55 29.08 25.97
N LEU C 153 -5.57 29.26 27.28
CA LEU C 153 -5.15 28.25 28.24
C LEU C 153 -6.41 27.63 28.82
N VAL C 154 -6.65 26.36 28.48
CA VAL C 154 -7.79 25.59 28.95
C VAL C 154 -7.29 24.76 30.13
N LYS C 155 -7.49 25.25 31.35
CA LYS C 155 -6.81 24.75 32.54
C LYS C 155 -7.81 24.11 33.51
N ASP C 156 -7.37 23.04 34.18
CA ASP C 156 -8.05 22.43 35.31
C ASP C 156 -9.42 21.87 34.92
N TYR C 157 -9.37 20.80 34.12
CA TYR C 157 -10.58 20.09 33.75
C TYR C 157 -10.38 18.58 33.91
N PHE C 158 -11.50 17.89 34.12
CA PHE C 158 -11.53 16.44 34.25
C PHE C 158 -12.94 15.99 33.90
N PRO C 159 -13.10 14.90 33.14
CA PRO C 159 -12.05 14.12 32.49
C PRO C 159 -11.75 14.68 31.11
N GLU C 160 -10.91 14.00 30.35
CA GLU C 160 -10.76 14.29 28.94
C GLU C 160 -12.06 13.96 28.19
N PRO C 161 -12.30 14.57 27.02
CA PRO C 161 -11.51 15.59 26.31
C PRO C 161 -12.16 16.97 26.29
N VAL C 162 -11.45 17.94 25.72
CA VAL C 162 -12.04 19.22 25.33
C VAL C 162 -11.82 19.39 23.83
N THR C 163 -12.71 20.14 23.20
CA THR C 163 -12.51 20.57 21.83
C THR C 163 -12.30 22.07 21.81
N VAL C 164 -11.41 22.53 20.94
CA VAL C 164 -11.09 23.94 20.80
C VAL C 164 -11.14 24.31 19.33
N SER C 165 -11.94 25.31 18.99
CA SER C 165 -11.89 25.93 17.67
C SER C 165 -11.62 27.42 17.81
N TRP C 166 -11.34 28.08 16.69
CA TRP C 166 -11.10 29.51 16.69
C TRP C 166 -12.07 30.21 15.74
N ASN C 167 -12.76 31.22 16.25
CA ASN C 167 -13.74 32.01 15.51
C ASN C 167 -14.82 31.12 14.88
N SER C 168 -15.29 30.15 15.68
CA SER C 168 -16.35 29.21 15.30
C SER C 168 -15.99 28.43 14.04
N GLY C 169 -14.71 28.11 13.87
CA GLY C 169 -14.24 27.32 12.75
C GLY C 169 -13.70 28.12 11.58
N ALA C 170 -13.94 29.44 11.55
CA ALA C 170 -13.49 30.26 10.43
C ALA C 170 -11.97 30.39 10.38
N LEU C 171 -11.29 30.24 11.51
CA LEU C 171 -9.83 30.35 11.59
C LEU C 171 -9.25 28.96 11.84
N THR C 172 -8.56 28.40 10.83
CA THR C 172 -7.84 27.15 11.00
C THR C 172 -6.37 27.24 10.64
N SER C 173 -5.97 28.20 9.81
CA SER C 173 -4.59 28.32 9.39
C SER C 173 -3.71 28.79 10.55
N GLY C 174 -2.60 28.08 10.78
CA GLY C 174 -1.69 28.44 11.83
C GLY C 174 -2.18 28.17 13.23
N VAL C 175 -3.14 27.27 13.38
CA VAL C 175 -3.71 26.92 14.68
C VAL C 175 -3.03 25.67 15.20
N HIS C 176 -2.58 25.70 16.45
CA HIS C 176 -1.95 24.56 17.10
C HIS C 176 -2.64 24.32 18.44
N THR C 177 -3.35 23.21 18.55
CA THR C 177 -3.95 22.78 19.80
C THR C 177 -3.08 21.68 20.39
N PHE C 178 -2.50 21.95 21.55
CA PHE C 178 -1.50 21.06 22.13
C PHE C 178 -2.17 19.85 22.76
N PRO C 179 -1.43 18.74 22.90
CA PRO C 179 -1.94 17.62 23.72
C PRO C 179 -2.11 18.05 25.16
N ALA C 180 -3.14 17.48 25.80
CA ALA C 180 -3.38 17.74 27.21
C ALA C 180 -2.27 17.14 28.06
N VAL C 181 -1.92 17.84 29.14
CA VAL C 181 -1.01 17.32 30.15
C VAL C 181 -1.81 17.05 31.42
N LEU C 182 -1.40 16.02 32.14
CA LEU C 182 -1.99 15.69 33.42
C LEU C 182 -1.18 16.37 34.50
N GLN C 183 -1.81 17.26 35.25
CA GLN C 183 -1.12 18.00 36.30
C GLN C 183 -1.09 17.17 37.57
N SER C 184 -0.26 17.62 38.52
CA SER C 184 -0.16 16.96 39.83
C SER C 184 -1.50 16.97 40.56
N SER C 185 -2.34 17.97 40.28
CA SER C 185 -3.69 18.07 40.83
C SER C 185 -4.61 16.94 40.38
N GLY C 186 -4.22 16.14 39.39
CA GLY C 186 -5.10 15.17 38.79
C GLY C 186 -5.96 15.71 37.67
N LEU C 187 -5.96 17.03 37.46
CA LEU C 187 -6.74 17.69 36.43
C LEU C 187 -5.91 17.87 35.17
N TYR C 188 -6.60 17.94 34.02
CA TYR C 188 -5.93 18.15 32.75
C TYR C 188 -5.87 19.64 32.39
N SER C 189 -4.96 19.94 31.46
CA SER C 189 -4.69 21.31 31.06
C SER C 189 -4.04 21.29 29.68
N LEU C 190 -4.49 22.17 28.79
CA LEU C 190 -3.84 22.31 27.49
C LEU C 190 -3.88 23.76 27.06
N SER C 191 -3.20 24.04 25.94
CA SER C 191 -3.19 25.36 25.34
C SER C 191 -3.52 25.23 23.86
N SER C 192 -4.12 26.29 23.33
CA SER C 192 -4.35 26.42 21.90
C SER C 192 -3.82 27.78 21.45
N VAL C 193 -2.93 27.78 20.47
CA VAL C 193 -2.34 29.02 20.00
C VAL C 193 -2.65 29.18 18.51
N VAL C 194 -2.53 30.42 18.05
CA VAL C 194 -2.68 30.75 16.63
C VAL C 194 -1.77 31.92 16.34
N THR C 195 -1.12 31.88 15.19
CA THR C 195 -0.30 32.97 14.69
C THR C 195 -1.07 33.72 13.60
N VAL C 196 -1.14 35.03 13.76
CA VAL C 196 -1.89 35.93 12.87
C VAL C 196 -0.95 37.05 12.46
N PRO C 197 -1.26 37.77 11.37
CA PRO C 197 -0.52 39.00 11.09
C PRO C 197 -0.72 40.01 12.21
N SER C 198 0.39 40.62 12.65
CA SER C 198 0.31 41.53 13.79
C SER C 198 -0.50 42.77 13.47
N SER C 199 -0.50 43.20 12.22
CA SER C 199 -1.31 44.35 11.83
C SER C 199 -2.81 44.02 11.71
N SER C 200 -3.23 42.83 12.13
CA SER C 200 -4.62 42.42 12.18
C SER C 200 -5.25 42.56 13.56
N LEU C 201 -4.47 42.91 14.58
CA LEU C 201 -4.95 42.79 15.96
C LEU C 201 -5.95 43.90 16.31
N GLY C 202 -5.79 45.08 15.74
CA GLY C 202 -6.72 46.16 16.04
C GLY C 202 -8.06 46.05 15.36
N THR C 203 -8.17 45.18 14.37
CA THR C 203 -9.37 45.09 13.56
C THR C 203 -10.04 43.71 13.61
N GLN C 204 -9.27 42.62 13.66
CA GLN C 204 -9.88 41.29 13.72
C GLN C 204 -10.06 40.85 15.17
N THR C 205 -11.26 40.33 15.46
CA THR C 205 -11.57 39.76 16.77
C THR C 205 -11.22 38.27 16.76
N TYR C 206 -10.54 37.82 17.80
CA TYR C 206 -10.16 36.41 17.94
C TYR C 206 -10.86 35.83 19.15
N ILE C 207 -11.61 34.76 18.93
CA ILE C 207 -12.37 34.08 19.97
C ILE C 207 -12.01 32.61 19.91
N CYS C 208 -11.65 32.03 21.04
CA CYS C 208 -11.49 30.58 21.12
C CYS C 208 -12.78 29.98 21.68
N ASN C 209 -13.20 28.88 21.07
CA ASN C 209 -14.42 28.17 21.45
C ASN C 209 -13.99 26.86 22.11
N VAL C 210 -14.17 26.79 23.43
CA VAL C 210 -13.83 25.63 24.23
C VAL C 210 -15.11 24.88 24.55
N ASN C 211 -15.11 23.57 24.32
CA ASN C 211 -16.27 22.74 24.60
C ASN C 211 -15.82 21.53 25.39
N HIS C 212 -16.45 21.32 26.56
CA HIS C 212 -16.18 20.19 27.45
C HIS C 212 -17.52 19.48 27.65
N LYS C 213 -17.78 18.47 26.82
CA LYS C 213 -19.02 17.69 26.84
C LYS C 213 -19.26 16.85 28.12
N PRO C 214 -18.23 16.31 28.80
CA PRO C 214 -18.52 15.63 30.09
C PRO C 214 -19.14 16.51 31.16
N SER C 215 -18.62 17.72 31.38
CA SER C 215 -19.18 18.63 32.36
C SER C 215 -20.24 19.57 31.80
N ASN C 216 -20.59 19.45 30.51
CA ASN C 216 -21.61 20.27 29.84
C ASN C 216 -21.23 21.76 29.89
N THR C 217 -20.06 22.06 29.33
CA THR C 217 -19.45 23.40 29.42
C THR C 217 -19.12 23.91 28.02
N LYS C 218 -19.60 25.11 27.70
CA LYS C 218 -19.27 25.76 26.43
C LYS C 218 -18.85 27.20 26.70
N VAL C 219 -17.58 27.51 26.43
CA VAL C 219 -17.00 28.82 26.70
C VAL C 219 -16.53 29.42 25.38
N ASP C 220 -16.82 30.71 25.19
CA ASP C 220 -16.26 31.50 24.09
C ASP C 220 -15.44 32.63 24.72
N LYS C 221 -14.13 32.59 24.53
CA LYS C 221 -13.22 33.53 25.16
C LYS C 221 -12.62 34.46 24.11
N LYS C 222 -12.91 35.75 24.25
CA LYS C 222 -12.31 36.77 23.41
C LYS C 222 -10.89 37.02 23.89
N VAL C 223 -9.93 36.95 22.97
CA VAL C 223 -8.52 37.15 23.29
C VAL C 223 -8.11 38.47 22.66
N GLU C 224 -7.86 39.47 23.49
CA GLU C 224 -7.63 40.84 23.05
C GLU C 224 -6.19 41.26 23.32
N PRO C 225 -5.63 42.16 22.50
CA PRO C 225 -4.22 42.54 22.68
C PRO C 225 -3.98 43.30 23.97
N LYS C 226 -2.84 43.02 24.60
CA LYS C 226 -2.45 43.67 25.85
C LYS C 226 -1.44 44.78 25.59
N GLU D 1 12.98 -11.40 33.08
CA GLU D 1 12.25 -11.02 31.88
C GLU D 1 13.22 -10.65 30.75
N ILE D 2 12.82 -10.96 29.52
CA ILE D 2 13.62 -10.64 28.35
C ILE D 2 13.38 -9.18 27.98
N VAL D 3 14.45 -8.43 27.79
CA VAL D 3 14.38 -7.00 27.49
C VAL D 3 14.54 -6.81 25.99
N MET D 4 13.51 -6.22 25.36
CA MET D 4 13.56 -5.84 23.95
C MET D 4 13.96 -4.38 23.82
N THR D 5 14.98 -4.11 23.01
CA THR D 5 15.50 -2.76 22.82
C THR D 5 15.46 -2.39 21.34
N GLN D 6 14.74 -1.32 21.03
CA GLN D 6 14.62 -0.80 19.67
C GLN D 6 15.47 0.46 19.57
N SER D 7 16.67 0.32 19.01
CA SER D 7 17.60 1.42 18.92
C SER D 7 18.02 1.63 17.47
N PRO D 8 17.88 2.86 16.92
CA PRO D 8 17.38 4.09 17.54
C PRO D 8 15.86 4.15 17.70
N ALA D 9 15.39 5.02 18.59
CA ALA D 9 13.96 5.11 18.88
C ALA D 9 13.19 5.98 17.89
N THR D 10 13.88 6.78 17.08
CA THR D 10 13.23 7.54 16.01
C THR D 10 14.12 7.49 14.79
N LEU D 11 13.49 7.62 13.62
CA LEU D 11 14.19 7.73 12.34
C LEU D 11 13.56 8.85 11.54
N SER D 12 14.38 9.74 10.99
CA SER D 12 13.91 10.80 10.10
C SER D 12 14.05 10.30 8.68
N VAL D 13 12.93 10.03 8.02
CA VAL D 13 12.94 9.38 6.72
C VAL D 13 11.99 10.10 5.77
N SER D 14 12.20 9.86 4.48
CA SER D 14 11.43 10.47 3.41
C SER D 14 10.70 9.38 2.63
N PRO D 15 9.57 9.72 2.00
CA PRO D 15 8.87 8.71 1.19
C PRO D 15 9.74 8.23 0.03
N GLY D 16 9.74 6.91 -0.17
CA GLY D 16 10.48 6.29 -1.23
C GLY D 16 11.78 5.64 -0.81
N GLU D 17 12.32 6.02 0.34
CA GLU D 17 13.61 5.49 0.74
C GLU D 17 13.46 4.18 1.53
N ARG D 18 14.51 3.37 1.49
CA ARG D 18 14.56 2.10 2.19
C ARG D 18 14.88 2.36 3.65
N VAL D 19 13.99 1.93 4.55
CA VAL D 19 14.18 2.18 5.97
C VAL D 19 14.34 0.85 6.71
N THR D 20 15.23 0.85 7.71
CA THR D 20 15.56 -0.34 8.49
C THR D 20 15.37 -0.02 9.97
N LEU D 21 14.54 -0.81 10.64
CA LEU D 21 14.28 -0.69 12.06
C LEU D 21 14.91 -1.88 12.78
N SER D 22 15.49 -1.62 13.95
CA SER D 22 16.31 -2.60 14.65
C SER D 22 15.65 -3.04 15.94
N CYS D 23 15.89 -4.30 16.31
CA CYS D 23 15.37 -4.87 17.53
C CYS D 23 16.40 -5.83 18.11
N ARG D 24 16.65 -5.70 19.41
CA ARG D 24 17.64 -6.49 20.12
C ARG D 24 16.98 -7.09 21.35
N ALA D 25 17.28 -8.36 21.61
CA ALA D 25 16.79 -9.06 22.79
C ALA D 25 17.94 -9.32 23.74
N SER D 26 17.65 -9.28 25.04
CA SER D 26 18.70 -9.46 26.04
C SER D 26 19.19 -10.91 26.12
N GLN D 27 18.41 -11.85 25.59
CA GLN D 27 18.84 -13.23 25.44
C GLN D 27 18.13 -13.77 24.21
N SER D 28 18.55 -14.96 23.77
CA SER D 28 18.04 -15.51 22.53
C SER D 28 16.56 -15.86 22.63
N VAL D 29 15.77 -15.37 21.67
CA VAL D 29 14.36 -15.69 21.58
C VAL D 29 14.07 -16.49 20.30
N ARG D 30 15.12 -17.03 19.69
CA ARG D 30 15.07 -17.85 18.46
C ARG D 30 14.43 -17.03 17.35
N SER D 31 13.34 -17.49 16.74
CA SER D 31 12.63 -16.71 15.74
C SER D 31 11.28 -16.23 16.25
N ARG D 32 11.02 -16.36 17.55
CA ARG D 32 9.72 -16.02 18.11
C ARG D 32 9.65 -14.52 18.37
N LEU D 33 9.51 -13.78 17.26
CA LEU D 33 9.61 -12.33 17.25
C LEU D 33 8.57 -11.79 16.27
N ALA D 34 7.78 -10.83 16.72
CA ALA D 34 6.71 -10.22 15.95
C ALA D 34 6.89 -8.71 15.87
N TRP D 35 6.46 -8.14 14.75
CA TRP D 35 6.50 -6.70 14.54
C TRP D 35 5.08 -6.19 14.36
N PHE D 36 4.78 -5.10 15.07
CA PHE D 36 3.51 -4.38 15.03
C PHE D 36 3.72 -2.94 14.59
N GLN D 37 2.72 -2.41 13.90
CA GLN D 37 2.63 -1.00 13.54
C GLN D 37 1.45 -0.38 14.29
N GLN D 38 1.66 0.81 14.86
CA GLN D 38 0.60 1.53 15.54
C GLN D 38 0.63 2.99 15.12
N LYS D 39 -0.53 3.49 14.69
CA LYS D 39 -0.85 4.86 14.34
C LYS D 39 -1.70 5.49 15.45
N PRO D 40 -1.64 6.83 15.61
CA PRO D 40 -2.28 7.45 16.79
C PRO D 40 -3.78 7.23 16.83
N GLY D 41 -4.27 6.83 18.01
CA GLY D 41 -5.68 6.56 18.20
C GLY D 41 -6.16 5.28 17.56
N GLN D 42 -5.29 4.28 17.45
CA GLN D 42 -5.66 3.02 16.81
C GLN D 42 -4.96 1.86 17.50
N ALA D 43 -5.60 0.69 17.43
CA ALA D 43 -5.02 -0.53 17.98
C ALA D 43 -3.80 -0.93 17.14
N PRO D 44 -2.84 -1.64 17.74
CA PRO D 44 -1.70 -2.14 16.97
C PRO D 44 -2.14 -3.10 15.86
N ARG D 45 -1.31 -3.17 14.83
CA ARG D 45 -1.57 -3.99 13.65
C ARG D 45 -0.38 -4.90 13.43
N LEU D 46 -0.62 -6.20 13.42
CA LEU D 46 0.44 -7.17 13.21
C LEU D 46 1.00 -7.04 11.80
N LEU D 47 2.31 -6.85 11.71
CA LEU D 47 3.02 -6.84 10.43
C LEU D 47 3.72 -8.16 10.17
N ILE D 48 4.52 -8.62 11.13
CA ILE D 48 5.38 -9.79 10.96
C ILE D 48 5.20 -10.67 12.18
N TYR D 49 5.20 -12.00 11.99
CA TYR D 49 5.38 -12.93 13.08
C TYR D 49 6.42 -13.98 12.66
N ASP D 50 6.90 -14.72 13.65
CA ASP D 50 7.95 -15.75 13.47
C ASP D 50 9.18 -15.17 12.77
N ALA D 51 9.52 -13.92 13.13
CA ALA D 51 10.65 -13.12 12.66
C ALA D 51 10.58 -12.72 11.18
N SER D 52 10.03 -13.56 10.30
CA SER D 52 10.10 -13.26 8.87
C SER D 52 8.82 -13.51 8.08
N ILE D 53 7.74 -14.00 8.70
CA ILE D 53 6.51 -14.29 7.99
C ILE D 53 5.61 -13.06 8.01
N ARG D 54 5.17 -12.62 6.83
CA ARG D 54 4.25 -11.50 6.74
C ARG D 54 2.86 -11.92 7.18
N ALA D 55 2.23 -11.08 8.01
CA ALA D 55 0.86 -11.35 8.42
C ALA D 55 -0.10 -11.22 7.23
N THR D 56 -1.32 -11.72 7.42
CA THR D 56 -2.31 -11.76 6.35
C THR D 56 -2.69 -10.34 5.92
N GLY D 57 -2.57 -10.08 4.62
CA GLY D 57 -2.94 -8.81 4.03
C GLY D 57 -1.88 -7.73 4.09
N ILE D 58 -0.69 -8.03 4.60
CA ILE D 58 0.34 -7.02 4.80
C ILE D 58 1.11 -6.83 3.49
N PRO D 59 1.33 -5.59 3.04
CA PRO D 59 1.99 -5.36 1.74
C PRO D 59 3.42 -5.87 1.74
N ALA D 60 3.91 -6.18 0.53
CA ALA D 60 5.19 -6.85 0.36
C ALA D 60 6.38 -5.97 0.72
N ARG D 61 6.20 -4.65 0.84
CA ARG D 61 7.32 -3.78 1.15
C ARG D 61 7.82 -3.96 2.57
N PHE D 62 7.00 -4.51 3.47
CA PHE D 62 7.45 -4.86 4.80
C PHE D 62 8.10 -6.23 4.78
N SER D 63 9.26 -6.37 5.40
CA SER D 63 9.88 -7.68 5.51
C SER D 63 10.75 -7.72 6.76
N GLY D 64 10.64 -8.82 7.52
CA GLY D 64 11.42 -9.01 8.72
C GLY D 64 12.50 -10.06 8.50
N SER D 65 13.58 -9.94 9.26
CA SER D 65 14.66 -10.92 9.21
C SER D 65 15.39 -10.92 10.55
N GLY D 66 16.22 -11.91 10.75
CA GLY D 66 17.05 -12.02 11.94
C GLY D 66 16.68 -13.23 12.78
N SER D 67 17.51 -13.45 13.80
CA SER D 67 17.30 -14.58 14.71
C SER D 67 18.09 -14.35 15.99
N GLY D 68 17.84 -15.23 16.96
CA GLY D 68 18.55 -15.23 18.23
C GLY D 68 18.29 -13.98 19.03
N THR D 69 19.17 -12.99 18.89
CA THR D 69 19.03 -11.73 19.59
C THR D 69 18.92 -10.52 18.67
N GLU D 70 19.18 -10.66 17.37
CA GLU D 70 19.20 -9.50 16.48
C GLU D 70 18.13 -9.65 15.40
N PHE D 71 17.25 -8.64 15.29
CA PHE D 71 16.13 -8.66 14.37
C PHE D 71 16.00 -7.33 13.66
N THR D 72 15.41 -7.37 12.48
CA THR D 72 15.40 -6.23 11.57
C THR D 72 14.07 -6.21 10.80
N LEU D 73 13.47 -5.03 10.71
CA LEU D 73 12.29 -4.78 9.89
C LEU D 73 12.68 -3.80 8.79
N ILE D 74 12.47 -4.17 7.54
CA ILE D 74 12.85 -3.34 6.41
C ILE D 74 11.59 -2.97 5.65
N ILE D 75 11.40 -1.68 5.42
CA ILE D 75 10.43 -1.17 4.47
C ILE D 75 11.21 -0.76 3.22
N SER D 76 11.00 -1.50 2.12
CA SER D 76 11.87 -1.37 0.96
C SER D 76 11.67 -0.03 0.25
N SER D 77 10.44 0.45 0.18
CA SER D 77 10.14 1.77 -0.38
C SER D 77 9.06 2.38 0.49
N LEU D 78 9.44 3.36 1.29
CA LEU D 78 8.54 3.93 2.29
C LEU D 78 7.42 4.73 1.63
N GLN D 79 6.19 4.47 2.04
CA GLN D 79 5.03 5.24 1.63
C GLN D 79 4.62 6.20 2.73
N SER D 80 3.79 7.19 2.38
CA SER D 80 3.40 8.22 3.33
C SER D 80 2.52 7.69 4.45
N GLU D 81 1.81 6.60 4.23
CA GLU D 81 1.02 6.00 5.29
C GLU D 81 1.82 5.10 6.21
N ASP D 82 3.12 4.94 5.98
CA ASP D 82 3.97 4.12 6.84
C ASP D 82 4.55 4.89 8.02
N PHE D 83 4.27 6.18 8.12
CA PHE D 83 4.77 6.98 9.24
C PHE D 83 3.94 6.65 10.48
N ALA D 84 4.56 5.94 11.43
CA ALA D 84 3.86 5.43 12.60
C ALA D 84 4.92 4.99 13.61
N VAL D 85 4.47 4.33 14.68
CA VAL D 85 5.35 3.72 15.67
C VAL D 85 5.40 2.22 15.39
N TYR D 86 6.56 1.62 15.60
CA TYR D 86 6.76 0.20 15.30
C TYR D 86 7.33 -0.48 16.53
N TYR D 87 6.68 -1.57 16.94
CA TYR D 87 7.05 -2.31 18.14
C TYR D 87 7.46 -3.72 17.75
N CYS D 88 8.56 -4.21 18.34
CA CYS D 88 8.85 -5.63 18.28
C CYS D 88 8.40 -6.30 19.58
N GLN D 89 8.22 -7.62 19.50
CA GLN D 89 7.71 -8.39 20.63
C GLN D 89 8.21 -9.82 20.55
N GLN D 90 8.81 -10.30 21.64
CA GLN D 90 9.19 -11.71 21.71
C GLN D 90 8.07 -12.53 22.35
N TYR D 91 8.10 -13.83 22.08
CA TYR D 91 7.17 -14.75 22.71
C TYR D 91 7.82 -16.12 22.86
N ASP D 92 9.08 -16.15 23.33
CA ASP D 92 9.90 -17.34 23.23
C ASP D 92 9.49 -18.46 24.19
N ASN D 93 9.84 -18.39 25.48
CA ASN D 93 9.66 -19.57 26.33
C ASN D 93 8.18 -19.79 26.63
N TRP D 94 7.83 -21.03 27.06
CA TRP D 94 6.41 -21.38 27.16
C TRP D 94 5.63 -20.54 28.16
N PRO D 95 5.87 -20.59 29.48
CA PRO D 95 4.98 -19.87 30.40
C PRO D 95 5.01 -18.39 30.08
N PRO D 96 3.91 -17.85 29.52
CA PRO D 96 3.98 -16.62 28.71
C PRO D 96 4.60 -15.47 29.46
N ALA D 97 5.72 -15.00 28.96
CA ALA D 97 6.46 -13.87 29.51
C ALA D 97 6.70 -12.85 28.41
N TYR D 98 5.62 -12.50 27.71
CA TYR D 98 5.72 -11.64 26.54
C TYR D 98 6.16 -10.24 26.95
N THR D 99 7.10 -9.68 26.19
CA THR D 99 7.58 -8.32 26.40
C THR D 99 7.70 -7.62 25.05
N PHE D 100 7.54 -6.30 25.08
CA PHE D 100 7.60 -5.46 23.90
C PHE D 100 8.84 -4.58 23.94
N GLY D 101 9.27 -4.16 22.77
CA GLY D 101 10.17 -3.02 22.69
C GLY D 101 9.42 -1.74 23.02
N GLN D 102 10.19 -0.68 23.22
CA GLN D 102 9.63 0.61 23.62
C GLN D 102 9.22 1.46 22.41
N GLY D 103 9.43 0.97 21.19
CA GLY D 103 8.92 1.63 20.01
C GLY D 103 9.95 2.41 19.23
N THR D 104 9.82 2.39 17.91
CA THR D 104 10.58 3.27 17.03
C THR D 104 9.59 4.04 16.17
N LYS D 105 9.64 5.37 16.24
CA LYS D 105 8.74 6.24 15.51
C LYS D 105 9.40 6.70 14.23
N LEU D 106 8.64 6.70 13.15
CA LEU D 106 9.12 7.23 11.88
C LEU D 106 8.64 8.67 11.72
N GLU D 107 9.58 9.57 11.43
CA GLU D 107 9.34 11.00 11.36
C GLU D 107 9.74 11.50 9.98
N ILE D 108 9.06 12.53 9.49
CA ILE D 108 9.29 13.03 8.14
C ILE D 108 10.54 13.90 8.12
N LYS D 109 11.52 13.52 7.29
CA LYS D 109 12.71 14.32 7.08
C LYS D 109 12.34 15.70 6.56
N ARG D 110 12.96 16.73 7.13
CA ARG D 110 12.67 18.11 6.77
C ARG D 110 13.97 18.91 6.83
N THR D 111 13.90 20.18 6.46
CA THR D 111 15.04 21.05 6.66
C THR D 111 14.93 21.66 8.05
N VAL D 112 16.08 21.98 8.64
CA VAL D 112 16.11 22.57 9.97
C VAL D 112 15.38 23.91 9.94
N ALA D 113 14.45 24.08 10.89
CA ALA D 113 13.72 25.33 11.05
C ALA D 113 13.85 25.79 12.49
N ALA D 114 14.29 27.03 12.68
CA ALA D 114 14.41 27.59 14.02
C ALA D 114 13.03 27.94 14.57
N PRO D 115 12.83 27.80 15.88
CA PRO D 115 11.53 28.18 16.46
C PRO D 115 11.38 29.69 16.51
N SER D 116 10.13 30.12 16.44
CA SER D 116 9.76 31.49 16.77
C SER D 116 9.26 31.47 18.21
N VAL D 117 9.95 32.17 19.09
CA VAL D 117 9.68 32.10 20.52
C VAL D 117 8.75 33.24 20.91
N PHE D 118 7.68 32.89 21.64
CA PHE D 118 6.68 33.83 22.12
C PHE D 118 6.45 33.55 23.60
N ILE D 119 6.40 34.61 24.42
CA ILE D 119 6.14 34.46 25.83
C ILE D 119 4.84 35.17 26.18
N PHE D 120 4.03 34.55 27.03
CA PHE D 120 2.72 35.06 27.41
C PHE D 120 2.69 35.23 28.92
N PRO D 121 2.57 36.46 29.43
CA PRO D 121 2.44 36.66 30.87
C PRO D 121 1.11 36.14 31.37
N PRO D 122 0.96 35.89 32.68
CA PRO D 122 -0.33 35.43 33.20
C PRO D 122 -1.43 36.48 33.00
N SER D 123 -2.64 35.98 32.76
CA SER D 123 -3.78 36.88 32.58
C SER D 123 -4.31 37.35 33.93
N ASP D 124 -4.88 38.56 33.92
CA ASP D 124 -5.45 39.13 35.14
C ASP D 124 -6.63 38.30 35.65
N GLU D 125 -7.35 37.62 34.75
CA GLU D 125 -8.44 36.75 35.17
C GLU D 125 -7.91 35.57 35.99
N GLN D 126 -6.78 34.99 35.57
CA GLN D 126 -6.18 33.90 36.33
C GLN D 126 -5.56 34.39 37.63
N LEU D 127 -4.97 35.58 37.60
CA LEU D 127 -4.33 36.13 38.79
C LEU D 127 -5.34 36.36 39.91
N LYS D 128 -6.55 36.80 39.55
CA LYS D 128 -7.62 36.97 40.54
C LYS D 128 -8.01 35.64 41.18
N SER D 129 -7.79 34.52 40.47
CA SER D 129 -8.20 33.21 40.96
C SER D 129 -7.23 32.62 41.99
N GLY D 130 -6.00 33.09 42.04
CA GLY D 130 -5.02 32.57 42.98
C GLY D 130 -3.96 31.65 42.42
N THR D 131 -3.76 31.62 41.11
CA THR D 131 -2.73 30.82 40.45
C THR D 131 -2.20 31.63 39.28
N ALA D 132 -0.93 31.44 38.94
CA ALA D 132 -0.31 32.15 37.83
C ALA D 132 0.39 31.14 36.92
N SER D 133 0.16 31.27 35.62
CA SER D 133 0.78 30.41 34.63
C SER D 133 1.42 31.29 33.56
N VAL D 134 2.70 31.07 33.31
CA VAL D 134 3.41 31.71 32.20
C VAL D 134 3.62 30.66 31.12
N VAL D 135 3.36 31.03 29.88
CA VAL D 135 3.43 30.12 28.75
C VAL D 135 4.52 30.60 27.82
N CYS D 136 5.44 29.69 27.48
CA CYS D 136 6.49 29.92 26.49
C CYS D 136 6.11 29.10 25.26
N LEU D 137 5.94 29.78 24.12
CA LEU D 137 5.56 29.11 22.87
C LEU D 137 6.76 29.02 21.95
N LEU D 138 7.06 27.80 21.49
CA LEU D 138 8.07 27.54 20.48
C LEU D 138 7.32 27.08 19.24
N ASN D 139 7.30 27.91 18.20
CA ASN D 139 6.43 27.68 17.06
C ASN D 139 7.21 27.28 15.81
N ASN D 140 6.70 26.26 15.12
CA ASN D 140 7.13 25.80 13.79
C ASN D 140 8.64 25.57 13.69
N PHE D 141 9.13 24.60 14.47
CA PHE D 141 10.54 24.26 14.46
C PHE D 141 10.75 22.81 14.01
N TYR D 142 12.00 22.51 13.62
CA TYR D 142 12.42 21.17 13.24
C TYR D 142 13.94 21.07 13.41
N PRO D 143 14.47 19.98 13.98
CA PRO D 143 13.78 18.77 14.45
C PRO D 143 13.17 18.92 15.84
N ARG D 144 12.73 17.79 16.39
CA ARG D 144 11.89 17.79 17.59
C ARG D 144 12.65 18.29 18.83
N GLU D 145 13.95 18.02 18.91
CA GLU D 145 14.70 18.27 20.14
C GLU D 145 14.91 19.76 20.38
N ALA D 146 14.33 20.26 21.46
CA ALA D 146 14.52 21.63 21.91
C ALA D 146 14.53 21.62 23.43
N LYS D 147 15.27 22.58 24.00
CA LYS D 147 15.35 22.73 25.45
C LYS D 147 14.76 24.08 25.84
N VAL D 148 13.87 24.06 26.83
CA VAL D 148 13.34 25.28 27.43
C VAL D 148 13.76 25.30 28.89
N GLN D 149 14.43 26.38 29.29
CA GLN D 149 14.79 26.62 30.68
C GLN D 149 14.10 27.88 31.18
N TRP D 150 13.48 27.79 32.35
CA TRP D 150 12.82 28.92 32.98
C TRP D 150 13.73 29.57 34.01
N LYS D 151 13.70 30.90 34.07
CA LYS D 151 14.46 31.67 35.04
C LYS D 151 13.56 32.73 35.66
N VAL D 152 13.48 32.73 36.98
CA VAL D 152 12.67 33.67 37.74
C VAL D 152 13.62 34.51 38.60
N ASP D 153 13.75 35.80 38.26
CA ASP D 153 14.73 36.71 38.85
C ASP D 153 16.15 36.13 38.76
N ASN D 154 16.48 35.59 37.57
CA ASN D 154 17.78 35.01 37.25
C ASN D 154 18.10 33.80 38.13
N ALA D 155 17.10 32.98 38.39
CA ALA D 155 17.27 31.74 39.14
C ALA D 155 16.59 30.60 38.39
N LEU D 156 17.35 29.53 38.14
CA LEU D 156 16.86 28.41 37.35
C LEU D 156 15.70 27.71 38.04
N GLN D 157 14.63 27.45 37.30
CA GLN D 157 13.46 26.79 37.85
C GLN D 157 13.53 25.30 37.62
N SER D 158 13.05 24.53 38.60
CA SER D 158 13.07 23.07 38.56
C SER D 158 11.75 22.53 39.07
N GLY D 159 11.13 21.65 38.29
CA GLY D 159 10.00 20.87 38.76
C GLY D 159 8.66 21.58 38.78
N ASN D 160 8.58 22.80 38.25
CA ASN D 160 7.31 23.52 38.19
C ASN D 160 6.93 23.90 36.76
N SER D 161 7.49 23.20 35.77
CA SER D 161 7.12 23.42 34.38
C SER D 161 6.68 22.11 33.75
N GLN D 162 5.74 22.20 32.82
CA GLN D 162 5.34 21.07 31.99
C GLN D 162 5.47 21.45 30.53
N GLU D 163 5.76 20.45 29.70
CA GLU D 163 5.96 20.67 28.28
C GLU D 163 4.96 19.83 27.50
N SER D 164 4.60 20.33 26.33
CA SER D 164 3.62 19.67 25.47
C SER D 164 3.97 20.06 24.04
N VAL D 165 3.97 19.07 23.14
CA VAL D 165 4.46 19.25 21.79
C VAL D 165 3.49 18.60 20.81
N THR D 166 3.18 19.31 19.74
CA THR D 166 2.26 18.78 18.75
C THR D 166 2.94 17.68 17.93
N GLU D 167 2.12 16.94 17.20
CA GLU D 167 2.63 16.06 16.17
C GLU D 167 3.07 16.90 14.97
N GLN D 168 3.77 16.25 14.03
CA GLN D 168 4.25 16.94 12.84
C GLN D 168 3.09 17.51 12.02
N ASP D 169 3.20 18.80 11.69
CA ASP D 169 2.14 19.50 10.99
C ASP D 169 1.93 18.94 9.59
N SER D 170 0.67 18.77 9.21
CA SER D 170 0.34 18.10 7.96
C SER D 170 0.76 18.89 6.73
N LYS D 171 1.06 20.18 6.87
CA LYS D 171 1.52 21.02 5.77
C LYS D 171 3.03 21.12 5.66
N ASP D 172 3.72 21.51 6.74
CA ASP D 172 5.15 21.78 6.67
C ASP D 172 6.02 20.83 7.49
N SER D 173 5.43 19.87 8.20
CA SER D 173 6.12 18.84 8.99
C SER D 173 6.97 19.41 10.11
N THR D 174 6.64 20.61 10.59
CA THR D 174 7.33 21.19 11.73
C THR D 174 6.59 20.81 13.02
N TYR D 175 7.24 21.10 14.15
CA TYR D 175 6.69 20.90 15.47
C TYR D 175 6.42 22.24 16.14
N SER D 176 5.54 22.22 17.13
CA SER D 176 5.38 23.34 18.04
C SER D 176 5.39 22.83 19.46
N LEU D 177 5.72 23.71 20.40
CA LEU D 177 5.93 23.29 21.78
C LEU D 177 5.50 24.40 22.72
N SER D 178 4.71 24.04 23.74
CA SER D 178 4.38 24.95 24.82
C SER D 178 5.08 24.48 26.09
N SER D 179 5.58 25.43 26.86
CA SER D 179 6.08 25.17 28.21
C SER D 179 5.31 26.09 29.16
N THR D 180 4.69 25.49 30.17
CA THR D 180 3.89 26.25 31.13
C THR D 180 4.57 26.21 32.49
N LEU D 181 5.07 27.36 32.93
CA LEU D 181 5.58 27.52 34.28
C LEU D 181 4.40 27.81 35.20
N THR D 182 4.18 26.94 36.19
CA THR D 182 3.05 27.06 37.09
C THR D 182 3.55 27.51 38.46
N LEU D 183 3.04 28.65 38.91
CA LEU D 183 3.44 29.28 40.15
C LEU D 183 2.20 29.61 40.97
N SER D 184 2.36 29.61 42.28
CA SER D 184 1.29 30.14 43.11
C SER D 184 1.22 31.66 42.95
N LYS D 185 0.04 32.21 43.26
CA LYS D 185 -0.17 33.65 43.17
C LYS D 185 0.83 34.40 44.05
N ALA D 186 1.06 33.91 45.27
CA ALA D 186 1.99 34.55 46.19
C ALA D 186 3.40 34.54 45.61
N ASP D 187 3.86 33.39 45.10
CA ASP D 187 5.18 33.29 44.49
C ASP D 187 5.34 34.21 43.30
N TYR D 188 4.28 34.36 42.50
CA TYR D 188 4.36 35.19 41.30
C TYR D 188 4.56 36.66 41.65
N GLU D 189 3.94 37.13 42.72
CA GLU D 189 4.07 38.52 43.12
C GLU D 189 5.41 38.84 43.78
N LYS D 190 6.19 37.84 44.19
CA LYS D 190 7.44 38.11 44.91
C LYS D 190 8.61 38.37 43.97
N HIS D 191 8.44 38.21 42.67
CA HIS D 191 9.53 38.35 41.73
C HIS D 191 9.11 39.24 40.56
N LYS D 192 10.11 39.81 39.90
CA LYS D 192 9.87 40.77 38.82
C LYS D 192 10.11 40.17 37.45
N VAL D 193 11.26 39.52 37.23
CA VAL D 193 11.71 39.14 35.91
C VAL D 193 11.41 37.66 35.68
N TYR D 194 10.67 37.36 34.63
CA TYR D 194 10.32 36.00 34.24
C TYR D 194 10.83 35.75 32.84
N ALA D 195 11.59 34.68 32.66
CA ALA D 195 12.28 34.44 31.39
C ALA D 195 12.27 32.96 31.05
N CYS D 196 12.09 32.66 29.76
CA CYS D 196 12.35 31.34 29.22
C CYS D 196 13.48 31.42 28.21
N GLU D 197 14.41 30.47 28.31
CA GLU D 197 15.59 30.40 27.48
C GLU D 197 15.48 29.15 26.60
N VAL D 198 15.54 29.34 25.29
CA VAL D 198 15.28 28.28 24.33
C VAL D 198 16.58 27.93 23.61
N THR D 199 16.92 26.63 23.63
CA THR D 199 18.05 26.10 22.89
C THR D 199 17.52 25.22 21.78
N HIS D 200 17.98 25.45 20.56
CA HIS D 200 17.56 24.63 19.43
C HIS D 200 18.68 24.61 18.39
N GLN D 201 18.67 23.56 17.58
CA GLN D 201 19.68 23.34 16.56
C GLN D 201 19.71 24.45 15.52
N GLY D 202 18.56 25.07 15.23
CA GLY D 202 18.46 26.18 14.30
C GLY D 202 18.77 27.55 14.86
N LEU D 203 19.09 27.65 16.14
CA LEU D 203 19.53 28.90 16.76
C LEU D 203 21.03 28.82 16.98
N SER D 204 21.73 29.93 16.72
CA SER D 204 23.18 29.93 16.87
C SER D 204 23.62 30.00 18.33
N SER D 205 22.75 30.53 19.19
CA SER D 205 22.95 30.59 20.63
C SER D 205 21.56 30.54 21.25
N PRO D 206 21.46 30.26 22.55
CA PRO D 206 20.14 30.31 23.21
C PRO D 206 19.48 31.67 23.10
N VAL D 207 18.16 31.64 22.87
CA VAL D 207 17.32 32.82 22.75
C VAL D 207 16.48 32.95 24.01
N THR D 208 16.49 34.15 24.60
CA THR D 208 15.73 34.43 25.82
C THR D 208 14.63 35.43 25.53
N LYS D 209 13.39 35.07 25.89
CA LYS D 209 12.27 35.99 25.90
C LYS D 209 11.84 36.20 27.35
N SER D 210 11.73 37.46 27.75
CA SER D 210 11.47 37.79 29.15
C SER D 210 10.50 38.95 29.24
N PHE D 211 9.95 39.12 30.43
CA PHE D 211 9.12 40.26 30.75
C PHE D 211 9.27 40.56 32.23
N ASN D 212 8.90 41.77 32.60
CA ASN D 212 8.82 42.16 34.01
C ASN D 212 7.36 42.20 34.43
N ARG D 213 7.06 41.52 35.54
CA ARG D 213 5.70 41.49 36.07
C ARG D 213 5.21 42.90 36.35
N GLY D 214 4.05 43.25 35.81
CA GLY D 214 3.56 44.61 35.82
C GLY D 214 4.26 45.47 34.80
N GLU D 215 4.18 45.05 33.53
CA GLU D 215 4.76 45.68 32.32
C GLU D 215 5.86 46.74 32.47
#